data_3SRB
#
_entry.id   3SRB
#
_cell.length_a   120.961
_cell.length_b   166.746
_cell.length_c   93.856
_cell.angle_alpha   90.00
_cell.angle_beta   90.00
_cell.angle_gamma   90.00
#
_symmetry.space_group_name_H-M   'C 2 2 21'
#
loop_
_entity.id
_entity.type
_entity.pdbx_description
1 polymer 'Acyl-homoserine lactone acylase pvdQ'
2 polymer 'Acyl-homoserine lactone acylase pvdQ'
3 non-polymer 1,2-ETHANEDIOL
4 non-polymer 'SULFATE ION'
5 non-polymer 6-bromo-N-(prop-2-en-1-yl)quinazolin-4-amine
6 water water
#
loop_
_entity_poly.entity_id
_entity_poly.type
_entity_poly.pdbx_seq_one_letter_code
_entity_poly.pdbx_strand_id
1 'polypeptide(L)'
;TGLAADIRWTAYGVPHIRAKDERGLGYGIGYAYARDNACLLAEEIVTARGERARYFGSEGKSSAELDNLPSDIFYAWLNQ
PEALQAFWQAQTPAVRQLLEGYAAGFNRFLREADGKTTSCLGQPWLRAIATDDLLRLTRRLLVEGGVGQFADALVAAAPP
GAE
;
A
2 'polypeptide(L)'
;SNAIAVGSERSADGKGMLLANPHFPWNGAMRFYQMHLTIPGRLDVMGASLPGLPVVNIGFSRHLAWTHTVDTSSHFTLYR
LALDPKDPRRYLVDGRSLPLEEKSVAIEVRGADGKLSRVEHKVYQSIYGPLVVWPGKLDWNRSEAYALRDANLENTRVLQ
QWYSINQASDVADLRRRVEALQGIPWVNTLAADEQGNALYMNQSVVPYLKPELIPACAIPQLVAEGLPALQGQDSRCAWS
RDPAAAQAGITPAAQLPVLLRRDFVQNSNDSAWLTNPASPLQGFSPLVSQEKPIGPRARYALSRLQGKQPLEAKTLEEMV
TANHVFSADQVLPDLLRLCRDNQGEKSLARACAALAQWDRGANLDSGSGFVYFQRFMQRFAELDGAWKEPFDAQRPLDTP
QGIALDRPQVATQVRQALADAAAEVEKSGIPDGARWGDLQVSTRGQERIAIPGGDGHFGVYNAIQSVRKGDHLEVVGGTS
YIQLVTFPEEGPKARGLLAFSQSSDPRSPHYRDQTELFSRQQWQTLPFSDRQIDADPQLQRLSIRE
;
B
#
# COMPACT_ATOMS: atom_id res chain seq x y z
N THR A 1 -0.40 33.53 11.23
CA THR A 1 -0.74 33.71 12.68
C THR A 1 -2.06 33.01 13.05
N GLY A 2 -2.43 33.12 14.33
CA GLY A 2 -3.60 32.41 14.86
C GLY A 2 -3.37 30.90 14.88
N LEU A 3 -2.11 30.51 15.01
CA LEU A 3 -1.68 29.12 15.00
C LEU A 3 -1.20 28.73 16.39
N ALA A 4 -1.83 27.72 16.98
CA ALA A 4 -1.45 27.25 18.30
C ALA A 4 -1.78 25.78 18.46
N ALA A 5 -0.89 25.04 19.10
CA ALA A 5 -1.13 23.62 19.37
C ALA A 5 -0.51 23.18 20.68
N ASP A 6 -1.16 22.21 21.32
CA ASP A 6 -0.58 21.54 22.45
C ASP A 6 -0.20 20.14 22.03
N ILE A 7 1.07 19.80 22.21
CA ILE A 7 1.58 18.49 21.82
C ILE A 7 2.06 17.71 23.04
N ARG A 8 1.54 16.49 23.20
CA ARG A 8 2.07 15.55 24.17
C ARG A 8 2.68 14.36 23.42
N TRP A 9 3.85 13.92 23.85
CA TRP A 9 4.46 12.69 23.30
C TRP A 9 4.45 11.59 24.34
N THR A 10 3.98 10.42 23.94
CA THR A 10 4.04 9.24 24.81
C THR A 10 5.23 8.39 24.39
N ALA A 11 5.35 7.18 24.96
CA ALA A 11 6.47 6.29 24.65
C ALA A 11 6.64 6.11 23.14
N TYR A 12 7.90 6.05 22.69
CA TYR A 12 8.27 5.79 21.30
C TYR A 12 8.03 6.99 20.39
N GLY A 13 7.82 8.16 20.99
CA GLY A 13 7.73 9.41 20.24
C GLY A 13 6.43 9.59 19.48
N VAL A 14 5.35 9.04 20.02
CA VAL A 14 4.02 9.20 19.43
C VAL A 14 3.41 10.52 19.89
N PRO A 15 3.12 11.42 18.95
CA PRO A 15 2.54 12.72 19.32
C PRO A 15 1.02 12.68 19.45
N HIS A 16 0.53 13.49 20.39
CA HIS A 16 -0.89 13.65 20.64
C HIS A 16 -1.11 15.16 20.54
N ILE A 17 -1.73 15.58 19.44
CA ILE A 17 -1.88 16.98 19.12
C ILE A 17 -3.29 17.43 19.50
N ARG A 18 -3.37 18.47 20.32
CA ARG A 18 -4.65 19.10 20.70
C ARG A 18 -4.67 20.54 20.21
N ALA A 19 -5.76 20.92 19.53
CA ALA A 19 -5.92 22.30 19.06
C ALA A 19 -7.40 22.67 19.01
N LYS A 20 -7.69 23.96 18.91
CA LYS A 20 -9.06 24.44 18.91
C LYS A 20 -9.63 24.52 17.50
N ASP A 21 -8.76 24.37 16.50
CA ASP A 21 -9.20 24.47 15.10
C ASP A 21 -8.26 23.71 14.17
N GLU A 22 -8.65 23.62 12.89
CA GLU A 22 -7.85 22.87 11.91
C GLU A 22 -6.45 23.45 11.70
N ARG A 23 -6.32 24.78 11.66
CA ARG A 23 -4.98 25.36 11.45
C ARG A 23 -4.04 25.06 12.61
N GLY A 24 -4.53 25.18 13.84
CA GLY A 24 -3.75 24.80 15.02
C GLY A 24 -3.39 23.32 15.00
N LEU A 25 -4.35 22.49 14.60
CA LEU A 25 -4.13 21.04 14.58
C LEU A 25 -3.02 20.71 13.58
N GLY A 26 -3.13 21.26 12.37
CA GLY A 26 -2.09 21.09 11.34
C GLY A 26 -0.74 21.60 11.82
N TYR A 27 -0.75 22.73 12.52
CA TYR A 27 0.48 23.30 13.09
C TYR A 27 1.21 22.27 13.95
N GLY A 28 0.48 21.63 14.87
CA GLY A 28 1.05 20.62 15.75
C GLY A 28 1.55 19.39 15.01
N ILE A 29 0.75 18.92 14.05
CA ILE A 29 1.13 17.77 13.22
C ILE A 29 2.42 18.05 12.45
N GLY A 30 2.48 19.19 11.75
CA GLY A 30 3.64 19.52 10.93
C GLY A 30 4.91 19.63 11.76
N TYR A 31 4.79 20.26 12.93
CA TYR A 31 5.93 20.39 13.83
C TYR A 31 6.41 19.02 14.33
N ALA A 32 5.48 18.21 14.84
CA ALA A 32 5.83 16.89 15.36
C ALA A 32 6.44 16.01 14.26
N TYR A 33 5.81 16.02 13.08
CA TYR A 33 6.31 15.20 11.98
C TYR A 33 7.73 15.63 11.57
N ALA A 34 7.96 16.94 11.52
CA ALA A 34 9.28 17.49 11.15
C ALA A 34 10.36 17.02 12.13
N ARG A 35 10.03 16.99 13.42
CA ARG A 35 10.98 16.54 14.44
C ARG A 35 11.53 15.16 14.14
N ASP A 36 10.65 14.27 13.67
CA ASP A 36 11.03 12.88 13.37
C ASP A 36 11.48 12.68 11.93
N ASN A 37 10.93 13.45 11.00
CA ASN A 37 11.03 13.09 9.59
C ASN A 37 11.22 14.24 8.61
N ALA A 38 11.86 15.33 9.04
CA ALA A 38 12.05 16.48 8.16
C ALA A 38 12.76 16.09 6.87
N CYS A 39 13.80 15.27 6.98
CA CYS A 39 14.62 14.95 5.81
C CYS A 39 13.83 14.10 4.84
N LEU A 40 13.07 13.15 5.36
CA LEU A 40 12.18 12.32 4.55
C LEU A 40 11.18 13.19 3.78
N LEU A 41 10.47 14.07 4.47
CA LEU A 41 9.50 14.92 3.76
C LEU A 41 10.16 15.80 2.70
N ALA A 42 11.32 16.37 3.04
CA ALA A 42 12.05 17.22 2.09
C ALA A 42 12.38 16.44 0.83
N GLU A 43 12.89 15.22 1.00
CA GLU A 43 13.22 14.35 -0.13
C GLU A 43 11.99 14.08 -1.00
N GLU A 44 10.88 13.69 -0.37
CA GLU A 44 9.66 13.33 -1.11
C GLU A 44 8.99 14.53 -1.77
N ILE A 45 9.15 15.70 -1.16
CA ILE A 45 8.72 16.94 -1.79
C ILE A 45 9.55 17.27 -3.03
N VAL A 46 10.87 17.10 -2.94
CA VAL A 46 11.73 17.26 -4.12
C VAL A 46 11.25 16.35 -5.25
N THR A 47 10.94 15.10 -4.91
CA THR A 47 10.41 14.15 -5.89
C THR A 47 9.11 14.66 -6.53
N ALA A 48 8.16 15.07 -5.69
CA ALA A 48 6.84 15.48 -6.18
C ALA A 48 6.86 16.83 -6.92
N ARG A 49 7.90 17.62 -6.67
CA ARG A 49 8.13 18.86 -7.40
C ARG A 49 8.87 18.61 -8.73
N GLY A 50 9.33 17.39 -8.93
CA GLY A 50 10.13 17.04 -10.12
C GLY A 50 11.47 17.76 -10.14
N GLU A 51 12.13 17.80 -8.99
CA GLU A 51 13.42 18.46 -8.83
C GLU A 51 14.57 17.54 -8.43
N ARG A 52 14.38 16.22 -8.57
CA ARG A 52 15.43 15.27 -8.21
C ARG A 52 16.72 15.48 -9.01
N ALA A 53 16.60 15.64 -10.33
CA ALA A 53 17.79 15.81 -11.17
C ALA A 53 18.52 17.12 -10.85
N ARG A 54 17.76 18.14 -10.46
CA ARG A 54 18.31 19.44 -10.07
C ARG A 54 19.25 19.35 -8.86
N TYR A 55 18.84 18.57 -7.85
CA TYR A 55 19.60 18.45 -6.61
C TYR A 55 20.60 17.28 -6.64
N PHE A 56 20.28 16.23 -7.38
CA PHE A 56 20.99 14.95 -7.25
C PHE A 56 21.59 14.41 -8.54
N GLY A 57 21.33 15.05 -9.67
CA GLY A 57 21.84 14.57 -10.95
C GLY A 57 20.98 13.45 -11.52
N SER A 58 21.33 13.02 -12.73
CA SER A 58 20.53 12.03 -13.46
C SER A 58 20.83 10.56 -13.10
N GLU A 59 21.92 10.32 -12.38
CA GLU A 59 22.31 8.94 -12.06
C GLU A 59 21.56 8.33 -10.87
N GLY A 60 20.92 9.17 -10.08
CA GLY A 60 20.22 8.73 -8.88
C GLY A 60 18.79 8.29 -9.13
N LYS A 61 18.15 7.80 -8.08
CA LYS A 61 16.75 7.36 -8.14
C LYS A 61 15.96 7.97 -6.99
N SER A 62 14.63 7.97 -7.14
CA SER A 62 13.72 8.32 -6.06
C SER A 62 13.57 7.13 -5.12
N SER A 63 12.85 7.33 -4.01
CA SER A 63 12.57 6.24 -3.08
C SER A 63 11.58 5.23 -3.66
N ALA A 64 10.91 5.60 -4.75
CA ALA A 64 10.06 4.68 -5.51
C ALA A 64 10.86 3.89 -6.55
N GLU A 65 12.17 4.11 -6.57
CA GLU A 65 13.11 3.42 -7.46
C GLU A 65 12.99 3.81 -8.95
N LEU A 66 12.42 4.98 -9.20
CA LEU A 66 12.43 5.56 -10.56
C LEU A 66 13.69 6.39 -10.76
N ASP A 67 14.25 6.36 -11.98
CA ASP A 67 15.38 7.25 -12.33
C ASP A 67 14.97 8.71 -12.11
N ASN A 68 15.91 9.52 -11.64
CA ASN A 68 15.62 10.92 -11.32
C ASN A 68 14.97 11.75 -12.44
N LEU A 69 15.52 11.68 -13.65
CA LEU A 69 14.98 12.50 -14.73
C LEU A 69 13.59 12.04 -15.20
N PRO A 70 13.42 10.73 -15.48
CA PRO A 70 12.05 10.27 -15.76
C PRO A 70 11.08 10.57 -14.63
N SER A 71 11.50 10.40 -13.38
CA SER A 71 10.63 10.75 -12.24
C SER A 71 10.23 12.21 -12.28
N ASP A 72 11.21 13.09 -12.52
CA ASP A 72 10.96 14.53 -12.60
C ASP A 72 10.00 14.90 -13.72
N ILE A 73 10.17 14.29 -14.89
CA ILE A 73 9.28 14.55 -16.02
C ILE A 73 7.85 14.18 -15.64
N PHE A 74 7.69 13.01 -15.02
CA PHE A 74 6.38 12.55 -14.60
C PHE A 74 5.75 13.51 -13.59
N TYR A 75 6.50 13.90 -12.57
CA TYR A 75 5.91 14.77 -11.53
C TYR A 75 5.70 16.20 -11.96
N ALA A 76 6.56 16.70 -12.85
CA ALA A 76 6.32 18.03 -13.44
C ALA A 76 5.04 18.00 -14.28
N TRP A 77 4.82 16.89 -14.99
CA TRP A 77 3.57 16.73 -15.74
C TRP A 77 2.35 16.62 -14.80
N LEU A 78 2.48 15.80 -13.75
CA LEU A 78 1.38 15.55 -12.83
C LEU A 78 0.99 16.82 -12.05
N ASN A 79 2.02 17.54 -11.61
CA ASN A 79 1.84 18.66 -10.70
C ASN A 79 2.08 20.03 -11.37
N GLN A 80 1.55 20.18 -12.57
CA GLN A 80 1.57 21.46 -13.29
C GLN A 80 0.80 22.50 -12.50
N PRO A 81 1.19 23.79 -12.64
CA PRO A 81 0.53 24.85 -11.88
C PRO A 81 -1.00 24.83 -12.00
N GLU A 82 -1.51 24.60 -13.20
CA GLU A 82 -2.96 24.60 -13.43
C GLU A 82 -3.68 23.51 -12.63
N ALA A 83 -3.07 22.33 -12.59
CA ALA A 83 -3.61 21.18 -11.85
C ALA A 83 -3.62 21.43 -10.34
N LEU A 84 -2.53 22.00 -9.82
CA LEU A 84 -2.43 22.32 -8.40
C LEU A 84 -3.43 23.39 -7.99
N GLN A 85 -3.58 24.40 -8.85
CA GLN A 85 -4.52 25.50 -8.59
C GLN A 85 -5.95 24.97 -8.53
N ALA A 86 -6.34 24.16 -9.52
CA ALA A 86 -7.67 23.56 -9.55
C ALA A 86 -7.91 22.68 -8.33
N PHE A 87 -6.90 21.91 -7.95
CA PHE A 87 -7.00 21.05 -6.78
C PHE A 87 -7.22 21.88 -5.53
N TRP A 88 -6.40 22.91 -5.36
CA TRP A 88 -6.52 23.82 -4.22
C TRP A 88 -7.91 24.45 -4.14
N GLN A 89 -8.39 24.93 -5.29
CA GLN A 89 -9.69 25.61 -5.34
C GLN A 89 -10.86 24.71 -4.96
N ALA A 90 -10.69 23.40 -5.15
CA ALA A 90 -11.72 22.42 -4.82
C ALA A 90 -11.69 21.97 -3.35
N GLN A 91 -10.69 22.43 -2.60
CA GLN A 91 -10.55 22.03 -1.20
C GLN A 91 -11.49 22.81 -0.29
N THR A 92 -12.08 22.12 0.67
CA THR A 92 -12.91 22.76 1.69
C THR A 92 -12.07 23.68 2.58
N PRO A 93 -12.70 24.69 3.18
CA PRO A 93 -12.01 25.55 4.16
C PRO A 93 -11.26 24.73 5.22
N ALA A 94 -11.89 23.71 5.78
CA ALA A 94 -11.25 22.88 6.82
C ALA A 94 -9.96 22.23 6.34
N VAL A 95 -9.96 21.71 5.11
CA VAL A 95 -8.78 21.05 4.56
C VAL A 95 -7.69 22.08 4.26
N ARG A 96 -8.09 23.22 3.70
CA ARG A 96 -7.13 24.30 3.46
C ARG A 96 -6.42 24.71 4.74
N GLN A 97 -7.19 24.79 5.82
CA GLN A 97 -6.66 25.20 7.12
CA GLN A 97 -6.68 25.18 7.13
C GLN A 97 -5.71 24.15 7.69
N LEU A 98 -6.06 22.87 7.55
CA LEU A 98 -5.18 21.78 7.99
C LEU A 98 -3.82 21.89 7.31
N LEU A 99 -3.85 22.12 6.00
CA LEU A 99 -2.64 22.19 5.19
C LEU A 99 -1.81 23.43 5.50
N GLU A 100 -2.51 24.57 5.69
CA GLU A 100 -1.83 25.81 6.06
C GLU A 100 -1.10 25.66 7.39
N GLY A 101 -1.77 25.04 8.36
CA GLY A 101 -1.18 24.76 9.66
C GLY A 101 0.04 23.85 9.52
N TYR A 102 -0.14 22.77 8.77
CA TYR A 102 0.93 21.79 8.59
C TYR A 102 2.21 22.44 8.05
N ALA A 103 2.08 23.20 6.96
CA ALA A 103 3.23 23.87 6.36
C ALA A 103 3.90 24.79 7.38
N ALA A 104 3.11 25.55 8.12
CA ALA A 104 3.64 26.48 9.12
C ALA A 104 4.37 25.75 10.26
N GLY A 105 3.83 24.61 10.68
CA GLY A 105 4.40 23.80 11.76
C GLY A 105 5.72 23.16 11.36
N PHE A 106 5.74 22.59 10.16
CA PHE A 106 6.96 22.01 9.61
C PHE A 106 8.03 23.09 9.52
N ASN A 107 7.65 24.25 8.97
CA ASN A 107 8.58 25.36 8.79
C ASN A 107 9.11 25.90 10.11
N ARG A 108 8.28 25.88 11.15
CA ARG A 108 8.72 26.32 12.47
C ARG A 108 9.85 25.42 12.97
N PHE A 109 9.66 24.11 12.86
CA PHE A 109 10.70 23.18 13.25
C PHE A 109 12.00 23.45 12.49
N LEU A 110 11.89 23.64 11.17
CA LEU A 110 13.05 23.92 10.33
C LEU A 110 13.85 25.14 10.79
N ARG A 111 13.13 26.20 11.17
CA ARG A 111 13.74 27.45 11.64
C ARG A 111 14.62 27.23 12.88
N GLU A 112 14.17 26.32 13.73
CA GLU A 112 14.75 26.11 15.05
C GLU A 112 15.71 24.92 15.14
N ALA A 113 15.69 24.06 14.12
CA ALA A 113 16.46 22.81 14.13
C ALA A 113 17.96 23.04 14.30
N ASP A 114 18.56 22.31 15.26
CA ASP A 114 20.00 22.40 15.49
C ASP A 114 20.72 21.09 15.16
N GLY A 115 19.99 20.14 14.58
CA GLY A 115 20.57 18.86 14.17
C GLY A 115 20.34 17.72 15.14
N LYS A 116 19.71 18.00 16.28
CA LYS A 116 19.47 16.97 17.30
C LYS A 116 18.78 15.71 16.72
N THR A 117 17.80 15.94 15.85
CA THR A 117 17.05 14.85 15.24
C THR A 117 16.96 14.97 13.71
N THR A 118 17.88 15.74 13.12
CA THR A 118 17.83 16.06 11.68
C THR A 118 19.21 15.93 11.05
N SER A 119 19.39 14.87 10.27
CA SER A 119 20.70 14.54 9.69
C SER A 119 21.06 15.33 8.43
N CYS A 120 20.07 15.99 7.84
CA CYS A 120 20.27 16.71 6.57
C CYS A 120 20.35 18.22 6.75
N LEU A 121 20.54 18.66 8.00
CA LEU A 121 20.73 20.07 8.28
C LEU A 121 21.81 20.66 7.37
N GLY A 122 21.49 21.76 6.70
CA GLY A 122 22.44 22.44 5.82
C GLY A 122 22.32 22.12 4.34
N GLN A 123 21.61 21.04 4.01
CA GLN A 123 21.41 20.66 2.61
C GLN A 123 20.50 21.66 1.89
N PRO A 124 20.82 22.00 0.63
CA PRO A 124 20.05 23.00 -0.11
C PRO A 124 18.61 22.57 -0.39
N TRP A 125 18.36 21.27 -0.37
CA TRP A 125 17.01 20.73 -0.60
C TRP A 125 16.13 20.66 0.66
N LEU A 126 16.72 20.93 1.82
CA LEU A 126 15.94 21.07 3.05
C LEU A 126 15.49 22.52 3.21
N ARG A 127 14.25 22.78 2.84
CA ARG A 127 13.75 24.14 2.65
C ARG A 127 12.35 24.28 3.23
N ALA A 128 11.95 25.52 3.51
CA ALA A 128 10.59 25.80 3.94
C ALA A 128 9.61 25.28 2.89
N ILE A 129 8.48 24.76 3.35
CA ILE A 129 7.49 24.19 2.45
C ILE A 129 6.25 25.07 2.34
N ALA A 130 5.48 24.83 1.28
CA ALA A 130 4.26 25.58 1.03
C ALA A 130 3.10 24.61 0.95
N THR A 131 1.87 25.12 1.05
CA THR A 131 0.70 24.25 0.88
C THR A 131 0.70 23.55 -0.48
N ASP A 132 1.20 24.22 -1.52
CA ASP A 132 1.31 23.56 -2.85
C ASP A 132 2.16 22.29 -2.80
N ASP A 133 3.21 22.32 -1.97
CA ASP A 133 4.06 21.13 -1.79
C ASP A 133 3.29 19.98 -1.19
N LEU A 134 2.39 20.29 -0.25
CA LEU A 134 1.54 19.24 0.33
C LEU A 134 0.54 18.71 -0.70
N LEU A 135 0.04 19.59 -1.57
CA LEU A 135 -0.81 19.12 -2.68
C LEU A 135 -0.04 18.23 -3.65
N ARG A 136 1.24 18.54 -3.87
CA ARG A 136 2.08 17.72 -4.75
C ARG A 136 2.20 16.31 -4.19
N LEU A 137 2.40 16.21 -2.87
CA LEU A 137 2.50 14.92 -2.20
C LEU A 137 1.19 14.15 -2.25
N THR A 138 0.08 14.86 -2.03
CA THR A 138 -1.25 14.25 -2.10
C THR A 138 -1.51 13.65 -3.47
N ARG A 139 -1.23 14.41 -4.53
CA ARG A 139 -1.46 13.96 -5.89
C ARG A 139 -0.56 12.80 -6.29
N ARG A 140 0.67 12.81 -5.79
CA ARG A 140 1.58 11.68 -5.98
C ARG A 140 0.99 10.37 -5.43
N LEU A 141 0.38 10.44 -4.26
CA LEU A 141 -0.26 9.26 -3.66
C LEU A 141 -1.57 8.92 -4.37
N LEU A 142 -2.28 9.97 -4.78
CA LEU A 142 -3.57 9.82 -5.44
C LEU A 142 -3.50 8.89 -6.66
N VAL A 143 -2.43 9.03 -7.44
CA VAL A 143 -2.28 8.27 -8.69
C VAL A 143 -1.42 7.00 -8.56
N GLU A 144 -1.08 6.61 -7.33
CA GLU A 144 -0.26 5.41 -7.09
C GLU A 144 -0.90 4.13 -7.63
N GLY A 145 -2.23 4.11 -7.67
CA GLY A 145 -2.99 2.97 -8.24
C GLY A 145 -3.40 3.15 -9.69
N GLY A 146 -2.87 4.20 -10.33
CA GLY A 146 -3.25 4.55 -11.70
C GLY A 146 -2.06 4.92 -12.56
N VAL A 147 -2.06 6.16 -13.06
CA VAL A 147 -1.00 6.60 -13.99
C VAL A 147 0.39 6.56 -13.33
N GLY A 148 0.44 6.70 -12.01
CA GLY A 148 1.71 6.54 -11.29
C GLY A 148 2.42 5.21 -11.58
N GLN A 149 1.64 4.15 -11.78
CA GLN A 149 2.21 2.84 -12.12
C GLN A 149 2.78 2.78 -13.54
N PHE A 150 2.46 3.79 -14.34
CA PHE A 150 2.92 3.90 -15.73
C PHE A 150 3.85 5.10 -15.95
N ALA A 151 4.50 5.57 -14.89
CA ALA A 151 5.34 6.76 -14.98
C ALA A 151 6.44 6.59 -16.04
N ASP A 152 7.17 5.48 -15.96
CA ASP A 152 8.20 5.16 -16.96
C ASP A 152 7.61 5.09 -18.36
N ALA A 153 6.44 4.44 -18.47
CA ALA A 153 5.76 4.26 -19.76
C ALA A 153 5.30 5.58 -20.37
N LEU A 154 4.87 6.52 -19.53
CA LEU A 154 4.48 7.84 -20.01
C LEU A 154 5.69 8.56 -20.57
N VAL A 155 6.79 8.51 -19.81
CA VAL A 155 8.03 9.17 -20.21
C VAL A 155 8.55 8.61 -21.55
N ALA A 156 8.39 7.30 -21.75
CA ALA A 156 8.91 6.61 -22.93
C ALA A 156 8.03 6.74 -24.18
N ALA A 157 6.84 7.31 -24.04
CA ALA A 157 5.89 7.38 -25.15
C ALA A 157 6.28 8.42 -26.21
N ALA A 158 6.79 7.93 -27.33
CA ALA A 158 7.24 8.79 -28.42
C ALA A 158 6.76 8.20 -29.75
N PRO A 159 6.37 9.06 -30.71
CA PRO A 159 5.83 8.59 -31.98
C PRO A 159 6.87 7.84 -32.81
N PRO A 160 6.42 6.96 -33.72
CA PRO A 160 7.34 6.17 -34.52
C PRO A 160 8.13 7.05 -35.48
N GLY A 161 9.30 6.56 -35.89
CA GLY A 161 10.07 7.22 -36.94
C GLY A 161 9.75 6.56 -38.27
N ALA A 162 10.77 6.44 -39.12
CA ALA A 162 10.57 5.94 -40.48
C ALA A 162 10.73 4.42 -40.64
N GLU A 163 10.87 3.71 -39.52
CA GLU A 163 11.13 2.26 -39.52
C GLU A 163 10.14 1.42 -40.34
N SER B 1 -1.51 -6.35 2.30
CA SER B 1 -2.17 -5.94 3.58
C SER B 1 -3.17 -6.99 4.05
N ASN B 2 -3.39 -7.09 5.36
CA ASN B 2 -4.47 -7.88 5.95
C ASN B 2 -5.38 -7.00 6.80
N ALA B 3 -6.65 -7.39 6.88
CA ALA B 3 -7.59 -6.77 7.81
C ALA B 3 -8.64 -7.79 8.24
N ILE B 4 -8.96 -7.81 9.53
CA ILE B 4 -10.06 -8.62 10.04
C ILE B 4 -10.90 -7.80 10.99
N ALA B 5 -12.20 -7.72 10.70
CA ALA B 5 -13.16 -7.09 11.60
C ALA B 5 -14.10 -8.16 12.15
N VAL B 6 -14.25 -8.19 13.47
CA VAL B 6 -15.08 -9.18 14.14
C VAL B 6 -16.26 -8.47 14.78
N GLY B 7 -17.45 -9.05 14.64
CA GLY B 7 -18.65 -8.47 15.22
C GLY B 7 -19.15 -9.20 16.46
N SER B 8 -20.30 -8.76 16.95
CA SER B 8 -20.89 -9.22 18.21
C SER B 8 -21.17 -10.72 18.27
N GLU B 9 -21.45 -11.31 17.11
CA GLU B 9 -21.78 -12.74 17.01
C GLU B 9 -20.57 -13.67 17.14
N ARG B 10 -19.36 -13.13 17.02
CA ARG B 10 -18.15 -13.96 17.07
C ARG B 10 -17.08 -13.53 18.08
N SER B 11 -17.14 -12.28 18.55
CA SER B 11 -16.16 -11.79 19.52
C SER B 11 -16.41 -12.38 20.90
N ALA B 12 -15.33 -12.51 21.68
CA ALA B 12 -15.41 -13.07 23.02
C ALA B 12 -16.21 -12.19 23.99
N ASP B 13 -16.25 -10.89 23.70
CA ASP B 13 -16.94 -9.91 24.56
C ASP B 13 -18.29 -9.43 24.01
N GLY B 14 -18.66 -9.90 22.82
CA GLY B 14 -19.92 -9.49 22.19
C GLY B 14 -19.88 -8.08 21.60
N LYS B 15 -18.68 -7.53 21.50
CA LYS B 15 -18.48 -6.18 20.95
C LYS B 15 -17.60 -6.28 19.71
N GLY B 16 -17.35 -5.16 19.05
CA GLY B 16 -16.53 -5.15 17.84
C GLY B 16 -15.05 -5.31 18.11
N MET B 17 -14.32 -5.82 17.13
CA MET B 17 -12.87 -5.92 17.21
C MET B 17 -12.28 -5.77 15.82
N LEU B 18 -11.14 -5.09 15.72
CA LEU B 18 -10.46 -4.93 14.44
C LEU B 18 -8.97 -5.19 14.54
N LEU B 19 -8.49 -6.08 13.67
CA LEU B 19 -7.05 -6.22 13.43
C LEU B 19 -6.68 -5.49 12.13
N ALA B 20 -5.74 -4.55 12.25
CA ALA B 20 -5.24 -3.81 11.11
C ALA B 20 -3.77 -4.16 10.90
N ASN B 21 -3.48 -4.79 9.77
CA ASN B 21 -2.13 -5.23 9.43
C ASN B 21 -1.78 -4.81 8.00
N PRO B 22 -1.77 -3.49 7.72
CA PRO B 22 -1.40 -3.04 6.38
C PRO B 22 0.04 -3.40 6.02
N HIS B 23 0.27 -3.73 4.75
CA HIS B 23 1.59 -4.06 4.28
C HIS B 23 2.07 -2.97 3.34
N PHE B 24 2.97 -2.12 3.83
CA PHE B 24 3.40 -0.92 3.11
C PHE B 24 4.93 -0.79 3.19
N PRO B 25 5.50 0.10 2.36
CA PRO B 25 6.97 0.28 2.36
C PRO B 25 7.52 0.74 3.70
N TRP B 26 8.76 0.34 3.97
CA TRP B 26 9.45 0.73 5.20
C TRP B 26 10.19 2.05 5.05
N ASN B 27 10.14 2.61 3.84
CA ASN B 27 10.79 3.87 3.50
C ASN B 27 9.94 4.65 2.52
N GLY B 28 10.21 5.95 2.39
CA GLY B 28 9.66 6.75 1.30
C GLY B 28 8.30 7.40 1.54
N ALA B 29 7.62 7.73 0.44
CA ALA B 29 6.37 8.51 0.49
C ALA B 29 5.16 7.79 1.09
N MET B 30 5.27 6.47 1.31
CA MET B 30 4.19 5.72 1.95
C MET B 30 4.60 5.10 3.29
N ARG B 31 5.57 5.72 3.94
CA ARG B 31 6.00 5.27 5.26
C ARG B 31 5.06 5.79 6.35
N PHE B 32 4.33 4.87 7.00
CA PHE B 32 3.37 5.26 8.06
C PHE B 32 4.02 5.97 9.25
N TYR B 33 3.21 6.83 9.88
CA TYR B 33 3.63 7.63 11.03
C TYR B 33 2.46 7.69 12.01
N GLN B 34 2.74 7.42 13.28
CA GLN B 34 1.70 7.40 14.31
C GLN B 34 1.40 8.81 14.81
N MET B 35 0.12 9.09 14.99
CA MET B 35 -0.32 10.32 15.65
C MET B 35 -1.74 10.22 16.16
N HIS B 36 -2.04 11.07 17.15
CA HIS B 36 -3.34 11.18 17.77
C HIS B 36 -3.73 12.65 17.62
N LEU B 37 -4.92 12.88 17.06
CA LEU B 37 -5.43 14.22 16.76
C LEU B 37 -6.69 14.53 17.55
N THR B 38 -6.74 15.70 18.21
CA THR B 38 -7.90 16.08 19.01
C THR B 38 -8.25 17.55 18.85
N ILE B 39 -9.48 17.82 18.41
CA ILE B 39 -10.08 19.15 18.56
C ILE B 39 -11.19 18.93 19.58
N PRO B 40 -10.94 19.27 20.85
CA PRO B 40 -11.86 18.84 21.91
C PRO B 40 -13.32 19.19 21.60
N GLY B 41 -14.18 18.18 21.75
CA GLY B 41 -15.60 18.36 21.52
C GLY B 41 -16.09 17.88 20.16
N ARG B 42 -15.19 17.74 19.18
CA ARG B 42 -15.65 17.39 17.84
C ARG B 42 -14.74 16.47 17.01
N LEU B 43 -13.49 16.29 17.44
CA LEU B 43 -12.57 15.35 16.77
C LEU B 43 -11.65 14.72 17.80
N ASP B 44 -11.60 13.40 17.79
CA ASP B 44 -10.65 12.68 18.65
C ASP B 44 -10.37 11.31 18.03
N VAL B 45 -9.23 11.22 17.35
CA VAL B 45 -8.90 10.07 16.53
C VAL B 45 -7.39 9.78 16.63
N MET B 46 -7.03 8.50 16.56
CA MET B 46 -5.64 8.09 16.67
C MET B 46 -5.34 6.97 15.71
N GLY B 47 -4.13 6.97 15.16
CA GLY B 47 -3.69 5.86 14.32
C GLY B 47 -2.40 6.22 13.63
N ALA B 48 -2.38 6.03 12.31
CA ALA B 48 -1.20 6.34 11.52
C ALA B 48 -1.59 6.98 10.21
N SER B 49 -0.68 7.79 9.68
CA SER B 49 -0.89 8.51 8.44
C SER B 49 0.35 8.40 7.56
N LEU B 50 0.29 8.97 6.36
CA LEU B 50 1.44 8.93 5.46
C LEU B 50 2.11 10.31 5.42
N PRO B 51 3.38 10.38 4.98
CA PRO B 51 4.14 11.63 4.98
C PRO B 51 3.42 12.80 4.30
N GLY B 52 3.30 13.91 5.03
CA GLY B 52 2.71 15.14 4.48
C GLY B 52 1.21 15.29 4.62
N LEU B 53 0.54 14.30 5.21
CA LEU B 53 -0.93 14.33 5.31
C LEU B 53 -1.41 14.71 6.72
N PRO B 54 -2.27 15.76 6.84
CA PRO B 54 -2.69 16.19 8.17
C PRO B 54 -3.96 15.51 8.68
N VAL B 55 -4.16 14.25 8.31
CA VAL B 55 -5.28 13.44 8.78
C VAL B 55 -4.80 12.01 9.07
N VAL B 56 -5.53 11.29 9.91
CA VAL B 56 -5.20 9.89 10.19
C VAL B 56 -5.77 9.00 9.07
N ASN B 57 -4.94 8.09 8.55
CA ASN B 57 -5.38 7.24 7.43
C ASN B 57 -5.91 5.87 7.86
N ILE B 58 -5.30 5.30 8.90
CA ILE B 58 -5.77 4.06 9.50
C ILE B 58 -5.79 4.32 11.01
N GLY B 59 -6.91 4.04 11.67
CA GLY B 59 -6.97 4.36 13.08
C GLY B 59 -8.23 3.98 13.82
N PHE B 60 -8.51 4.73 14.88
CA PHE B 60 -9.63 4.43 15.75
C PHE B 60 -10.06 5.66 16.52
N SER B 61 -11.28 5.62 17.02
CA SER B 61 -11.84 6.69 17.85
C SER B 61 -12.63 6.02 18.99
N ARG B 62 -13.44 6.80 19.70
CA ARG B 62 -14.17 6.31 20.87
C ARG B 62 -14.95 5.01 20.62
N HIS B 63 -15.64 4.93 19.50
CA HIS B 63 -16.54 3.80 19.22
C HIS B 63 -16.21 3.06 17.92
N LEU B 64 -15.14 3.45 17.23
CA LEU B 64 -14.88 2.94 15.89
C LEU B 64 -13.41 2.65 15.64
N ALA B 65 -13.12 1.58 14.90
CA ALA B 65 -11.77 1.36 14.37
C ALA B 65 -11.88 1.00 12.90
N TRP B 66 -11.00 1.54 12.07
CA TRP B 66 -11.04 1.23 10.64
C TRP B 66 -9.63 1.04 10.09
N THR B 67 -9.54 0.32 8.98
CA THR B 67 -8.27 0.12 8.31
C THR B 67 -8.50 -0.06 6.81
N HIS B 68 -7.41 -0.26 6.08
CA HIS B 68 -7.50 -0.35 4.62
C HIS B 68 -6.59 -1.46 4.09
N THR B 69 -6.96 -2.01 2.94
CA THR B 69 -6.12 -2.93 2.20
C THR B 69 -6.18 -2.52 0.73
N VAL B 70 -5.16 -2.87 -0.04
CA VAL B 70 -5.18 -2.52 -1.47
C VAL B 70 -6.22 -3.41 -2.19
N ASP B 71 -7.14 -2.78 -2.91
CA ASP B 71 -8.20 -3.53 -3.59
C ASP B 71 -7.76 -4.05 -4.96
N THR B 72 -8.59 -4.90 -5.57
CA THR B 72 -8.30 -5.45 -6.89
C THR B 72 -9.08 -4.76 -8.01
N SER B 73 -9.78 -3.68 -7.65
CA SER B 73 -10.54 -2.90 -8.62
C SER B 73 -9.60 -2.11 -9.53
N SER B 74 -10.07 -1.77 -10.71
CA SER B 74 -9.32 -0.93 -11.62
C SER B 74 -9.57 0.53 -11.25
N HIS B 75 -8.52 1.35 -11.30
CA HIS B 75 -8.67 2.76 -10.96
C HIS B 75 -8.23 3.64 -12.12
N PHE B 76 -8.14 3.00 -13.27
CA PHE B 76 -7.81 3.63 -14.53
C PHE B 76 -8.28 2.69 -15.64
N THR B 77 -8.38 3.21 -16.85
CA THR B 77 -8.46 2.34 -18.02
C THR B 77 -7.44 2.77 -19.05
N LEU B 78 -6.83 1.78 -19.69
CA LEU B 78 -6.06 2.00 -20.91
C LEU B 78 -7.05 2.16 -22.04
N TYR B 79 -6.69 2.94 -23.05
CA TYR B 79 -7.47 3.05 -24.27
C TYR B 79 -6.56 2.73 -25.46
N ARG B 80 -6.89 1.68 -26.21
CA ARG B 80 -6.18 1.40 -27.43
C ARG B 80 -6.65 2.37 -28.51
N LEU B 81 -5.73 3.17 -29.03
CA LEU B 81 -6.04 4.13 -30.08
C LEU B 81 -5.84 3.50 -31.45
N ALA B 82 -6.74 3.83 -32.37
CA ALA B 82 -6.56 3.53 -33.78
C ALA B 82 -5.98 4.77 -34.41
N LEU B 83 -4.74 4.69 -34.88
CA LEU B 83 -4.07 5.85 -35.43
C LEU B 83 -4.56 6.16 -36.84
N ASP B 84 -4.54 7.46 -37.18
CA ASP B 84 -4.81 7.92 -38.53
C ASP B 84 -3.77 7.30 -39.48
N PRO B 85 -4.24 6.56 -40.51
CA PRO B 85 -3.33 5.86 -41.40
C PRO B 85 -2.35 6.80 -42.14
N LYS B 86 -2.67 8.08 -42.17
CA LYS B 86 -1.81 9.08 -42.82
C LYS B 86 -0.89 9.84 -41.86
N ASP B 87 -1.08 9.64 -40.55
CA ASP B 87 -0.39 10.45 -39.54
C ASP B 87 -0.43 9.77 -38.17
N PRO B 88 0.72 9.22 -37.71
CA PRO B 88 0.74 8.49 -36.44
C PRO B 88 0.67 9.39 -35.20
N ARG B 89 0.54 10.70 -35.40
CA ARG B 89 0.35 11.66 -34.31
C ARG B 89 -1.10 12.14 -34.26
N ARG B 90 -1.95 11.46 -35.03
CA ARG B 90 -3.38 11.67 -35.03
C ARG B 90 -4.07 10.32 -34.80
N TYR B 91 -5.27 10.36 -34.23
CA TYR B 91 -6.00 9.13 -33.91
C TYR B 91 -7.49 9.28 -34.23
N LEU B 92 -8.14 8.15 -34.44
CA LEU B 92 -9.52 8.14 -34.91
C LEU B 92 -10.52 7.85 -33.80
N VAL B 93 -11.55 8.70 -33.70
CA VAL B 93 -12.68 8.41 -32.86
C VAL B 93 -13.92 8.54 -33.74
N ASP B 94 -14.70 7.47 -33.81
CA ASP B 94 -15.85 7.39 -34.72
C ASP B 94 -15.45 7.77 -36.14
N GLY B 95 -14.27 7.29 -36.57
CA GLY B 95 -13.78 7.51 -37.93
C GLY B 95 -13.24 8.90 -38.24
N ARG B 96 -13.24 9.78 -37.25
CA ARG B 96 -12.75 11.15 -37.42
C ARG B 96 -11.35 11.26 -36.84
N SER B 97 -10.45 11.90 -37.59
CA SER B 97 -9.05 12.06 -37.18
C SER B 97 -8.87 13.24 -36.26
N LEU B 98 -8.37 12.97 -35.05
CA LEU B 98 -8.12 14.00 -34.05
C LEU B 98 -6.63 14.15 -33.80
N PRO B 99 -6.16 15.39 -33.57
CA PRO B 99 -4.74 15.57 -33.27
C PRO B 99 -4.43 15.24 -31.81
N LEU B 100 -3.27 14.65 -31.57
CA LEU B 100 -2.76 14.55 -30.21
C LEU B 100 -2.35 15.95 -29.75
N GLU B 101 -2.53 16.19 -28.46
CA GLU B 101 -2.04 17.42 -27.86
C GLU B 101 -0.65 17.19 -27.30
N GLU B 102 0.14 18.25 -27.27
CA GLU B 102 1.51 18.17 -26.79
C GLU B 102 1.67 19.12 -25.61
N LYS B 103 2.20 18.58 -24.52
CA LYS B 103 2.51 19.40 -23.35
C LYS B 103 3.97 19.17 -23.02
N SER B 104 4.76 20.23 -23.09
CA SER B 104 6.17 20.13 -22.77
C SER B 104 6.44 20.55 -21.34
N VAL B 105 7.33 19.82 -20.67
CA VAL B 105 7.82 20.20 -19.35
C VAL B 105 9.32 20.43 -19.45
N ALA B 106 9.84 21.29 -18.60
CA ALA B 106 11.25 21.61 -18.59
C ALA B 106 11.84 21.24 -17.25
N ILE B 107 12.88 20.41 -17.27
CA ILE B 107 13.54 19.91 -16.06
C ILE B 107 14.99 20.37 -16.00
N GLU B 108 15.40 20.89 -14.84
CA GLU B 108 16.79 21.26 -14.63
CA GLU B 108 16.80 21.26 -14.62
C GLU B 108 17.58 20.05 -14.15
N VAL B 109 18.76 19.84 -14.75
CA VAL B 109 19.61 18.69 -14.45
C VAL B 109 21.00 19.14 -14.02
N ARG B 110 21.41 18.74 -12.83
CA ARG B 110 22.75 19.00 -12.30
C ARG B 110 23.76 18.06 -12.97
N GLY B 111 24.71 18.64 -13.69
CA GLY B 111 25.72 17.86 -14.40
C GLY B 111 26.92 17.47 -13.53
N ALA B 112 27.86 16.75 -14.14
CA ALA B 112 29.10 16.36 -13.47
C ALA B 112 29.91 17.57 -13.01
N ASP B 113 29.77 18.68 -13.75
CA ASP B 113 30.44 19.95 -13.43
C ASP B 113 29.73 20.78 -12.35
N GLY B 114 28.62 20.27 -11.82
CA GLY B 114 27.83 21.00 -10.80
C GLY B 114 26.91 22.08 -11.35
N LYS B 115 26.93 22.27 -12.68
CA LYS B 115 26.09 23.27 -13.33
C LYS B 115 24.74 22.69 -13.74
N LEU B 116 23.74 23.54 -13.86
CA LEU B 116 22.42 23.11 -14.31
C LEU B 116 22.25 23.26 -15.81
N SER B 117 21.74 22.21 -16.45
CA SER B 117 21.28 22.33 -17.83
C SER B 117 19.79 21.98 -17.92
N ARG B 118 19.11 22.55 -18.90
CA ARG B 118 17.67 22.41 -19.05
C ARG B 118 17.33 21.31 -20.06
N VAL B 119 16.48 20.37 -19.63
CA VAL B 119 16.00 19.30 -20.51
C VAL B 119 14.52 19.52 -20.78
N GLU B 120 14.13 19.60 -22.05
CA GLU B 120 12.73 19.75 -22.43
C GLU B 120 12.18 18.42 -22.92
N HIS B 121 11.01 18.05 -22.42
CA HIS B 121 10.40 16.77 -22.75
C HIS B 121 8.94 16.94 -23.15
N LYS B 122 8.57 16.35 -24.28
CA LYS B 122 7.21 16.45 -24.80
C LYS B 122 6.35 15.27 -24.35
N VAL B 123 5.22 15.58 -23.72
CA VAL B 123 4.25 14.58 -23.31
C VAL B 123 3.04 14.65 -24.24
N TYR B 124 2.82 13.58 -24.99
CA TYR B 124 1.70 13.50 -25.90
C TYR B 124 0.44 13.08 -25.16
N GLN B 125 -0.67 13.75 -25.48
CA GLN B 125 -1.95 13.53 -24.80
C GLN B 125 -3.08 13.34 -25.80
N SER B 126 -4.01 12.44 -25.47
CA SER B 126 -5.24 12.25 -26.21
C SER B 126 -6.38 12.78 -25.36
N ILE B 127 -7.61 12.72 -25.87
CA ILE B 127 -8.80 13.07 -25.08
C ILE B 127 -8.94 12.22 -23.82
N TYR B 128 -8.33 11.05 -23.80
CA TYR B 128 -8.40 10.15 -22.65
C TYR B 128 -7.35 10.42 -21.59
N GLY B 129 -6.24 11.00 -22.01
CA GLY B 129 -5.08 11.15 -21.13
C GLY B 129 -3.79 10.91 -21.89
N PRO B 130 -2.68 10.83 -21.15
CA PRO B 130 -1.37 10.71 -21.78
C PRO B 130 -1.15 9.35 -22.44
N LEU B 131 -0.35 9.34 -23.50
CA LEU B 131 0.04 8.09 -24.14
C LEU B 131 1.10 7.37 -23.30
N VAL B 132 1.08 6.04 -23.33
CA VAL B 132 2.02 5.23 -22.58
C VAL B 132 2.60 4.13 -23.47
N VAL B 133 3.89 3.84 -23.30
CA VAL B 133 4.56 2.81 -24.07
C VAL B 133 5.22 1.77 -23.14
N TRP B 134 4.86 0.51 -23.34
CA TRP B 134 5.49 -0.66 -22.73
C TRP B 134 6.11 -1.42 -23.90
N PRO B 135 7.44 -1.31 -24.11
CA PRO B 135 7.99 -1.91 -25.33
C PRO B 135 7.68 -3.40 -25.43
N GLY B 136 7.17 -3.81 -26.58
CA GLY B 136 6.83 -5.22 -26.82
C GLY B 136 5.44 -5.62 -26.38
N LYS B 137 4.72 -4.69 -25.75
CA LYS B 137 3.35 -4.99 -25.31
C LYS B 137 2.39 -3.86 -25.66
N LEU B 138 2.72 -2.65 -25.22
CA LEU B 138 1.95 -1.46 -25.56
C LEU B 138 2.84 -0.50 -26.35
N ASP B 139 2.95 -0.75 -27.65
CA ASP B 139 3.79 0.05 -28.52
C ASP B 139 3.05 1.26 -29.08
N TRP B 140 3.81 2.17 -29.67
CA TRP B 140 3.24 3.25 -30.45
C TRP B 140 3.84 3.08 -31.85
N ASN B 141 3.09 2.41 -32.72
CA ASN B 141 3.54 2.21 -34.09
C ASN B 141 2.70 3.04 -35.05
N ARG B 142 2.63 2.64 -36.33
CA ARG B 142 1.84 3.38 -37.31
C ARG B 142 0.36 3.00 -37.29
N SER B 143 0.02 1.94 -36.55
CA SER B 143 -1.34 1.41 -36.50
CA SER B 143 -1.34 1.41 -36.50
C SER B 143 -2.05 1.73 -35.19
N GLU B 144 -1.33 1.62 -34.08
CA GLU B 144 -1.95 1.77 -32.77
C GLU B 144 -1.03 2.41 -31.75
N ALA B 145 -1.65 2.95 -30.69
CA ALA B 145 -0.95 3.46 -29.53
C ALA B 145 -1.90 3.29 -28.35
N TYR B 146 -1.41 3.58 -27.14
CA TYR B 146 -2.22 3.42 -25.94
C TYR B 146 -2.21 4.68 -25.10
N ALA B 147 -3.39 5.09 -24.67
CA ALA B 147 -3.53 6.22 -23.77
C ALA B 147 -4.05 5.71 -22.43
N LEU B 148 -3.89 6.51 -21.38
CA LEU B 148 -4.30 6.06 -20.05
C LEU B 148 -5.15 7.11 -19.37
N ARG B 149 -6.38 6.71 -19.03
CA ARG B 149 -7.27 7.59 -18.26
C ARG B 149 -7.32 7.18 -16.80
N ASP B 150 -6.77 8.03 -15.94
CA ASP B 150 -6.69 7.74 -14.50
C ASP B 150 -7.89 8.38 -13.81
N ALA B 151 -8.68 7.57 -13.10
CA ALA B 151 -9.92 8.06 -12.49
C ALA B 151 -9.65 9.00 -11.32
N ASN B 152 -8.54 8.80 -10.63
CA ASN B 152 -8.21 9.62 -9.47
C ASN B 152 -7.64 11.00 -9.77
N LEU B 153 -7.29 11.26 -11.02
CA LEU B 153 -6.83 12.61 -11.39
C LEU B 153 -7.88 13.69 -11.12
N GLU B 154 -9.16 13.32 -11.18
CA GLU B 154 -10.26 14.26 -10.92
C GLU B 154 -10.80 14.14 -9.49
N ASN B 155 -10.19 13.26 -8.69
CA ASN B 155 -10.60 13.06 -7.31
C ASN B 155 -9.95 14.10 -6.41
N THR B 156 -10.60 15.25 -6.30
CA THR B 156 -10.14 16.33 -5.43
C THR B 156 -10.67 16.14 -4.00
N ARG B 157 -11.37 15.03 -3.76
CA ARG B 157 -12.07 14.82 -2.50
C ARG B 157 -11.30 13.98 -1.49
N VAL B 158 -10.08 13.59 -1.83
CA VAL B 158 -9.34 12.58 -1.05
C VAL B 158 -9.02 13.01 0.38
N LEU B 159 -8.57 14.25 0.56
CA LEU B 159 -8.21 14.76 1.89
C LEU B 159 -9.44 14.96 2.75
N GLN B 160 -10.48 15.56 2.15
CA GLN B 160 -11.78 15.71 2.83
C GLN B 160 -12.32 14.34 3.23
N GLN B 161 -12.12 13.33 2.37
CA GLN B 161 -12.59 11.97 2.66
C GLN B 161 -12.01 11.42 3.96
N TRP B 162 -10.68 11.51 4.13
CA TRP B 162 -10.12 10.98 5.38
C TRP B 162 -10.37 11.89 6.58
N TYR B 163 -10.51 13.18 6.37
CA TYR B 163 -10.90 14.05 7.48
C TYR B 163 -12.30 13.67 7.95
N SER B 164 -13.18 13.38 7.00
CA SER B 164 -14.52 12.92 7.32
C SER B 164 -14.50 11.58 8.06
N ILE B 165 -13.72 10.62 7.55
CA ILE B 165 -13.54 9.32 8.22
C ILE B 165 -13.07 9.51 9.67
N ASN B 166 -12.16 10.46 9.87
CA ASN B 166 -11.63 10.77 11.21
C ASN B 166 -12.71 11.22 12.19
N GLN B 167 -13.80 11.77 11.65
CA GLN B 167 -14.91 12.28 12.45
C GLN B 167 -16.05 11.27 12.62
N ALA B 168 -15.92 10.11 11.97
CA ALA B 168 -16.98 9.09 11.99
C ALA B 168 -17.22 8.51 13.39
N SER B 169 -18.49 8.32 13.73
CA SER B 169 -18.83 7.82 15.07
C SER B 169 -18.83 6.30 15.15
N ASP B 170 -19.57 5.65 14.25
CA ASP B 170 -19.66 4.20 14.25
C ASP B 170 -19.59 3.66 12.82
N VAL B 171 -19.80 2.37 12.65
CA VAL B 171 -19.74 1.72 11.33
C VAL B 171 -20.74 2.31 10.34
N ALA B 172 -21.99 2.51 10.78
CA ALA B 172 -23.02 3.10 9.93
C ALA B 172 -22.64 4.51 9.49
N ASP B 173 -22.08 5.31 10.41
CA ASP B 173 -21.66 6.67 10.10
C ASP B 173 -20.49 6.64 9.11
N LEU B 174 -19.54 5.75 9.36
CA LEU B 174 -18.39 5.57 8.47
C LEU B 174 -18.84 5.28 7.05
N ARG B 175 -19.76 4.31 6.91
CA ARG B 175 -20.30 3.94 5.63
C ARG B 175 -20.98 5.11 4.91
N ARG B 176 -21.82 5.86 5.64
CA ARG B 176 -22.49 7.02 5.07
C ARG B 176 -21.48 8.03 4.54
N ARG B 177 -20.47 8.32 5.35
CA ARG B 177 -19.46 9.34 5.04
C ARG B 177 -18.60 8.98 3.82
N VAL B 178 -18.32 7.69 3.66
CA VAL B 178 -17.52 7.22 2.50
C VAL B 178 -18.40 7.14 1.26
N GLU B 179 -19.60 6.57 1.38
CA GLU B 179 -20.51 6.49 0.23
C GLU B 179 -20.93 7.86 -0.29
N ALA B 180 -21.06 8.85 0.60
CA ALA B 180 -21.47 10.19 0.23
C ALA B 180 -20.43 10.92 -0.62
N LEU B 181 -19.16 10.76 -0.26
CA LEU B 181 -18.08 11.54 -0.86
C LEU B 181 -17.30 10.80 -1.94
N GLN B 182 -17.19 9.47 -1.78
CA GLN B 182 -16.46 8.63 -2.75
C GLN B 182 -15.08 9.21 -3.06
N GLY B 183 -14.30 9.46 -2.01
CA GLY B 183 -12.99 10.04 -2.19
C GLY B 183 -11.83 9.08 -1.96
N ILE B 184 -12.11 7.81 -1.72
CA ILE B 184 -11.03 6.83 -1.48
C ILE B 184 -10.43 6.34 -2.80
N PRO B 185 -9.11 6.55 -3.00
CA PRO B 185 -8.54 6.26 -4.32
C PRO B 185 -8.41 4.79 -4.70
N TRP B 186 -7.78 3.97 -3.86
CA TRP B 186 -7.43 2.61 -4.31
C TRP B 186 -7.36 1.54 -3.23
N VAL B 187 -8.10 1.75 -2.14
CA VAL B 187 -8.16 0.79 -1.04
C VAL B 187 -9.58 0.39 -0.65
N ASN B 188 -9.70 -0.85 -0.19
CA ASN B 188 -10.84 -1.32 0.59
C ASN B 188 -10.83 -0.66 1.96
N THR B 189 -11.97 -0.68 2.63
CA THR B 189 -12.09 -0.22 4.00
C THR B 189 -12.75 -1.34 4.82
N LEU B 190 -12.14 -1.66 5.97
CA LEU B 190 -12.72 -2.61 6.89
C LEU B 190 -12.79 -1.95 8.25
N ALA B 191 -13.88 -2.20 8.98
CA ALA B 191 -14.11 -1.50 10.22
C ALA B 191 -14.95 -2.30 11.18
N ALA B 192 -14.81 -1.98 12.46
CA ALA B 192 -15.67 -2.54 13.49
C ALA B 192 -16.00 -1.44 14.49
N ASP B 193 -17.18 -1.53 15.11
CA ASP B 193 -17.53 -0.57 16.15
C ASP B 193 -17.89 -1.23 17.49
N GLU B 194 -18.05 -0.41 18.53
CA GLU B 194 -18.34 -0.91 19.89
C GLU B 194 -19.60 -1.78 19.93
N GLN B 195 -20.61 -1.41 19.14
CA GLN B 195 -21.88 -2.14 19.09
C GLN B 195 -21.75 -3.53 18.46
N GLY B 196 -20.64 -3.78 17.77
CA GLY B 196 -20.35 -5.12 17.24
C GLY B 196 -20.69 -5.31 15.77
N ASN B 197 -20.69 -4.22 15.01
CA ASN B 197 -20.86 -4.29 13.56
C ASN B 197 -19.49 -4.48 12.90
N ALA B 198 -19.45 -5.32 11.87
CA ALA B 198 -18.22 -5.53 11.10
C ALA B 198 -18.50 -5.18 9.64
N LEU B 199 -17.73 -4.24 9.10
CA LEU B 199 -17.98 -3.69 7.78
C LEU B 199 -16.83 -3.93 6.82
N TYR B 200 -17.16 -4.40 5.62
CA TYR B 200 -16.24 -4.35 4.49
C TYR B 200 -16.83 -3.47 3.40
N MET B 201 -15.99 -2.59 2.84
CA MET B 201 -16.39 -1.76 1.72
C MET B 201 -15.29 -1.80 0.66
N ASN B 202 -15.69 -2.15 -0.56
CA ASN B 202 -14.85 -2.00 -1.74
C ASN B 202 -15.25 -0.64 -2.33
N GLN B 203 -15.15 0.40 -1.51
CA GLN B 203 -15.65 1.72 -1.86
C GLN B 203 -14.51 2.67 -2.23
N SER B 204 -14.17 2.67 -3.51
CA SER B 204 -13.10 3.51 -4.04
C SER B 204 -13.52 4.14 -5.35
N VAL B 205 -12.59 4.84 -5.98
CA VAL B 205 -12.85 5.56 -7.22
C VAL B 205 -12.53 4.61 -8.39
N VAL B 206 -13.57 4.17 -9.08
CA VAL B 206 -13.47 3.11 -10.09
C VAL B 206 -14.17 3.56 -11.37
N PRO B 207 -13.47 3.51 -12.54
CA PRO B 207 -14.10 3.87 -13.81
C PRO B 207 -15.38 3.08 -14.01
N TYR B 208 -16.40 3.76 -14.52
CA TYR B 208 -17.72 3.17 -14.69
C TYR B 208 -18.01 2.91 -16.15
N LEU B 209 -18.37 1.67 -16.46
CA LEU B 209 -18.96 1.31 -17.75
C LEU B 209 -20.21 0.50 -17.50
N LYS B 210 -21.31 0.92 -18.12
CA LYS B 210 -22.56 0.18 -18.06
C LYS B 210 -22.35 -1.25 -18.59
N PRO B 211 -23.02 -2.24 -17.96
CA PRO B 211 -22.77 -3.67 -18.19
C PRO B 211 -22.77 -4.09 -19.66
N GLU B 212 -23.70 -3.52 -20.43
CA GLU B 212 -23.88 -3.88 -21.84
C GLU B 212 -22.75 -3.42 -22.76
N LEU B 213 -21.96 -2.46 -22.29
CA LEU B 213 -20.87 -1.89 -23.09
C LEU B 213 -19.57 -2.70 -23.03
N ILE B 214 -19.41 -3.46 -21.96
CA ILE B 214 -18.16 -4.19 -21.70
C ILE B 214 -17.71 -5.15 -22.83
N PRO B 215 -18.61 -6.05 -23.31
CA PRO B 215 -18.22 -7.00 -24.35
C PRO B 215 -17.64 -6.35 -25.61
N ALA B 216 -18.24 -5.26 -26.07
CA ALA B 216 -17.75 -4.58 -27.25
C ALA B 216 -16.59 -3.65 -26.93
N CYS B 217 -16.55 -3.12 -25.71
CA CYS B 217 -15.54 -2.10 -25.37
C CYS B 217 -14.23 -2.64 -24.82
N ALA B 218 -14.24 -3.87 -24.31
CA ALA B 218 -13.00 -4.49 -23.80
C ALA B 218 -12.03 -4.81 -24.94
N ILE B 219 -10.73 -4.83 -24.63
CA ILE B 219 -9.73 -5.37 -25.55
C ILE B 219 -9.49 -6.80 -25.11
N PRO B 220 -9.98 -7.79 -25.90
CA PRO B 220 -9.99 -9.18 -25.42
C PRO B 220 -8.63 -9.70 -24.94
N GLN B 221 -7.58 -9.47 -25.72
CA GLN B 221 -6.24 -9.99 -25.42
C GLN B 221 -5.61 -9.39 -24.14
N LEU B 222 -6.03 -8.19 -23.77
CA LEU B 222 -5.45 -7.50 -22.62
C LEU B 222 -6.19 -7.76 -21.31
N VAL B 223 -7.49 -8.03 -21.39
CA VAL B 223 -8.30 -8.27 -20.19
C VAL B 223 -8.08 -9.66 -19.58
N ALA B 224 -7.62 -10.62 -20.39
CA ALA B 224 -7.29 -11.96 -19.90
C ALA B 224 -6.21 -11.86 -18.82
N GLU B 225 -5.20 -11.03 -19.07
CA GLU B 225 -4.14 -10.76 -18.11
C GLU B 225 -4.49 -9.65 -17.10
N GLY B 226 -5.74 -9.17 -17.13
CA GLY B 226 -6.24 -8.26 -16.11
C GLY B 226 -5.85 -6.79 -16.23
N LEU B 227 -5.41 -6.37 -17.41
CA LEU B 227 -5.22 -4.95 -17.70
C LEU B 227 -6.56 -4.34 -18.09
N PRO B 228 -6.98 -3.26 -17.40
CA PRO B 228 -8.24 -2.62 -17.79
C PRO B 228 -8.03 -1.83 -19.08
N ALA B 229 -8.50 -2.38 -20.19
CA ALA B 229 -8.24 -1.79 -21.49
C ALA B 229 -9.53 -1.70 -22.28
N LEU B 230 -9.69 -0.58 -22.97
CA LEU B 230 -10.91 -0.29 -23.71
C LEU B 230 -10.61 0.17 -25.14
N GLN B 231 -11.61 0.01 -26.02
CA GLN B 231 -11.51 0.46 -27.42
C GLN B 231 -11.60 1.98 -27.51
N GLY B 232 -10.47 2.63 -27.80
CA GLY B 232 -10.39 4.09 -27.84
C GLY B 232 -10.79 4.75 -29.16
N GLN B 233 -11.27 3.94 -30.12
CA GLN B 233 -11.69 4.46 -31.42
C GLN B 233 -13.21 4.61 -31.51
N ASP B 234 -13.89 4.30 -30.41
CA ASP B 234 -15.36 4.30 -30.35
C ASP B 234 -15.82 5.21 -29.21
N SER B 235 -16.51 6.30 -29.54
CA SER B 235 -17.00 7.24 -28.51
C SER B 235 -17.93 6.60 -27.48
N ARG B 236 -18.53 5.46 -27.85
CA ARG B 236 -19.44 4.73 -26.97
C ARG B 236 -18.70 4.02 -25.84
N CYS B 237 -17.37 3.97 -25.92
CA CYS B 237 -16.54 3.33 -24.90
C CYS B 237 -15.96 4.34 -23.90
N ALA B 238 -16.44 5.58 -23.96
CA ALA B 238 -16.19 6.56 -22.91
C ALA B 238 -16.80 6.06 -21.61
N TRP B 239 -16.21 6.40 -20.47
CA TRP B 239 -16.80 6.00 -19.19
C TRP B 239 -18.23 6.52 -19.10
N SER B 240 -19.11 5.69 -18.58
CA SER B 240 -20.53 6.02 -18.47
C SER B 240 -20.77 7.08 -17.39
N ARG B 241 -21.75 7.94 -17.64
CA ARG B 241 -22.16 8.95 -16.69
C ARG B 241 -23.35 8.45 -15.88
N ASP B 242 -23.34 8.75 -14.59
CA ASP B 242 -24.48 8.48 -13.73
C ASP B 242 -24.48 9.59 -12.69
N PRO B 243 -25.57 10.39 -12.65
CA PRO B 243 -25.66 11.55 -11.76
C PRO B 243 -25.50 11.23 -10.27
N ALA B 244 -25.69 9.97 -9.90
CA ALA B 244 -25.55 9.52 -8.51
C ALA B 244 -24.09 9.42 -8.06
N ALA B 245 -23.17 9.24 -9.01
CA ALA B 245 -21.74 9.18 -8.71
C ALA B 245 -21.24 10.56 -8.28
N ALA B 246 -20.30 10.58 -7.34
CA ALA B 246 -19.76 11.83 -6.81
C ALA B 246 -18.89 12.56 -7.84
N GLN B 247 -18.44 11.82 -8.84
CA GLN B 247 -17.52 12.32 -9.85
C GLN B 247 -17.94 11.74 -11.20
N ALA B 248 -17.96 12.58 -12.22
CA ALA B 248 -18.39 12.14 -13.55
C ALA B 248 -17.50 11.04 -14.10
N GLY B 249 -18.10 9.90 -14.44
CA GLY B 249 -17.37 8.77 -15.03
C GLY B 249 -16.96 7.68 -14.04
N ILE B 250 -17.21 7.91 -12.74
CA ILE B 250 -16.89 6.87 -11.75
C ILE B 250 -18.13 6.07 -11.35
N THR B 251 -17.88 4.91 -10.76
CA THR B 251 -18.94 3.98 -10.37
C THR B 251 -19.71 4.50 -9.16
N PRO B 252 -21.06 4.61 -9.27
CA PRO B 252 -21.85 5.05 -8.12
C PRO B 252 -21.69 4.12 -6.92
N ALA B 253 -21.78 4.68 -5.72
CA ALA B 253 -21.50 3.95 -4.47
C ALA B 253 -22.34 2.70 -4.29
N ALA B 254 -23.61 2.78 -4.69
CA ALA B 254 -24.56 1.67 -4.56
C ALA B 254 -24.18 0.44 -5.38
N GLN B 255 -23.32 0.62 -6.38
CA GLN B 255 -22.93 -0.48 -7.26
C GLN B 255 -21.62 -1.18 -6.85
N LEU B 256 -20.98 -0.67 -5.80
CA LEU B 256 -19.72 -1.24 -5.33
C LEU B 256 -19.94 -2.21 -4.17
N PRO B 257 -19.09 -3.25 -4.06
CA PRO B 257 -19.33 -4.27 -3.02
C PRO B 257 -19.24 -3.74 -1.59
N VAL B 258 -20.24 -4.13 -0.79
CA VAL B 258 -20.25 -3.83 0.64
C VAL B 258 -20.80 -5.04 1.39
N LEU B 259 -20.22 -5.34 2.54
CA LEU B 259 -20.71 -6.39 3.40
C LEU B 259 -20.76 -5.90 4.83
N LEU B 260 -21.96 -5.92 5.40
CA LEU B 260 -22.17 -5.50 6.77
C LEU B 260 -22.69 -6.70 7.55
N ARG B 261 -21.87 -7.18 8.48
CA ARG B 261 -22.19 -8.42 9.19
C ARG B 261 -21.93 -8.29 10.67
N ARG B 262 -22.34 -9.30 11.44
CA ARG B 262 -22.08 -9.31 12.86
C ARG B 262 -21.14 -10.47 13.26
N ASP B 263 -20.69 -11.24 12.28
CA ASP B 263 -19.69 -12.28 12.57
C ASP B 263 -18.26 -11.82 12.25
N PHE B 264 -17.89 -11.81 10.98
CA PHE B 264 -16.59 -11.27 10.56
C PHE B 264 -16.57 -10.86 9.10
N VAL B 265 -15.61 -10.01 8.77
CA VAL B 265 -15.21 -9.74 7.39
C VAL B 265 -13.68 -9.74 7.38
N GLN B 266 -13.10 -10.11 6.25
CA GLN B 266 -11.64 -10.12 6.13
C GLN B 266 -11.23 -9.76 4.71
N ASN B 267 -10.00 -9.27 4.56
CA ASN B 267 -9.42 -9.09 3.24
C ASN B 267 -7.91 -9.09 3.31
N SER B 268 -7.29 -9.79 2.36
CA SER B 268 -5.85 -9.84 2.20
C SER B 268 -5.45 -9.55 0.74
N ASN B 269 -6.02 -8.48 0.18
CA ASN B 269 -5.71 -8.00 -1.19
C ASN B 269 -6.33 -8.80 -2.33
N ASP B 270 -7.21 -9.74 -2.01
CA ASP B 270 -8.00 -10.38 -3.06
C ASP B 270 -9.24 -9.53 -3.30
N SER B 271 -10.08 -9.96 -4.24
CA SER B 271 -11.31 -9.24 -4.54
C SER B 271 -12.31 -9.33 -3.39
N ALA B 272 -13.44 -8.66 -3.55
CA ALA B 272 -14.50 -8.68 -2.55
C ALA B 272 -15.11 -10.07 -2.39
N TRP B 273 -14.95 -10.91 -3.41
CA TRP B 273 -15.65 -12.20 -3.49
C TRP B 273 -15.84 -12.93 -2.16
N LEU B 274 -14.73 -13.36 -1.53
CA LEU B 274 -14.81 -14.18 -0.32
C LEU B 274 -14.49 -13.46 1.00
N THR B 275 -14.84 -12.18 1.06
CA THR B 275 -14.78 -11.39 2.29
C THR B 275 -15.34 -12.15 3.50
N ASN B 276 -16.52 -12.75 3.30
CA ASN B 276 -17.01 -13.78 4.19
C ASN B 276 -17.71 -14.83 3.34
N PRO B 277 -17.13 -16.05 3.26
CA PRO B 277 -17.62 -17.13 2.40
C PRO B 277 -19.08 -17.52 2.63
N ALA B 278 -19.60 -17.22 3.81
CA ALA B 278 -21.02 -17.44 4.10
C ALA B 278 -21.93 -16.54 3.27
N SER B 279 -21.38 -15.43 2.78
CA SER B 279 -22.12 -14.48 1.96
C SER B 279 -21.23 -13.94 0.83
N PRO B 280 -20.99 -14.77 -0.20
CA PRO B 280 -20.08 -14.36 -1.29
C PRO B 280 -20.58 -13.12 -2.03
N LEU B 281 -19.65 -12.23 -2.38
CA LEU B 281 -19.96 -11.05 -3.15
C LEU B 281 -19.70 -11.30 -4.63
N GLN B 282 -20.77 -11.29 -5.42
CA GLN B 282 -20.71 -11.69 -6.83
C GLN B 282 -21.56 -10.77 -7.70
N GLY B 283 -21.36 -10.86 -9.01
CA GLY B 283 -22.18 -10.13 -9.98
C GLY B 283 -21.76 -8.69 -10.22
N PHE B 284 -20.49 -8.40 -9.94
CA PHE B 284 -19.93 -7.07 -10.13
C PHE B 284 -19.19 -6.95 -11.46
N SER B 285 -19.04 -5.72 -11.93
CA SER B 285 -18.22 -5.42 -13.10
C SER B 285 -16.82 -6.03 -12.94
N PRO B 286 -16.23 -6.51 -14.05
CA PRO B 286 -14.83 -6.94 -14.09
C PRO B 286 -13.86 -5.82 -13.66
N LEU B 287 -14.27 -4.57 -13.83
CA LEU B 287 -13.48 -3.41 -13.36
C LEU B 287 -13.54 -3.27 -11.84
N VAL B 288 -14.45 -4.01 -11.21
CA VAL B 288 -14.73 -3.85 -9.79
C VAL B 288 -14.25 -5.05 -8.97
N SER B 289 -14.78 -6.23 -9.25
CA SER B 289 -14.48 -7.41 -8.46
C SER B 289 -14.78 -8.67 -9.27
N GLN B 290 -13.84 -9.62 -9.23
CA GLN B 290 -13.98 -10.87 -9.98
C GLN B 290 -13.81 -12.06 -9.04
N GLU B 291 -14.40 -13.20 -9.42
CA GLU B 291 -14.25 -14.41 -8.61
C GLU B 291 -12.96 -15.16 -8.95
N LYS B 292 -11.83 -14.59 -8.54
CA LYS B 292 -10.53 -15.20 -8.77
C LYS B 292 -10.08 -15.99 -7.54
N PRO B 293 -9.24 -17.03 -7.73
CA PRO B 293 -8.74 -17.81 -6.59
C PRO B 293 -8.03 -16.92 -5.58
N ILE B 294 -8.35 -17.08 -4.30
CA ILE B 294 -7.75 -16.24 -3.26
C ILE B 294 -6.30 -16.62 -2.97
N GLY B 295 -5.52 -15.63 -2.53
CA GLY B 295 -4.13 -15.85 -2.15
C GLY B 295 -4.00 -16.63 -0.86
N PRO B 296 -2.79 -17.14 -0.56
CA PRO B 296 -2.64 -17.97 0.64
C PRO B 296 -2.88 -17.22 1.95
N ARG B 297 -2.65 -15.91 1.98
CA ARG B 297 -2.93 -15.13 3.20
C ARG B 297 -4.41 -15.18 3.57
N ALA B 298 -5.27 -14.94 2.58
CA ALA B 298 -6.72 -14.98 2.81
C ALA B 298 -7.16 -16.39 3.16
N ARG B 299 -6.57 -17.37 2.48
CA ARG B 299 -6.88 -18.76 2.72
C ARG B 299 -6.53 -19.13 4.16
N TYR B 300 -5.34 -18.68 4.60
CA TYR B 300 -4.92 -18.84 5.98
C TYR B 300 -5.90 -18.20 6.96
N ALA B 301 -6.24 -16.94 6.74
CA ALA B 301 -7.14 -16.21 7.64
C ALA B 301 -8.47 -16.93 7.79
N LEU B 302 -9.07 -17.30 6.66
CA LEU B 302 -10.36 -17.98 6.66
C LEU B 302 -10.31 -19.33 7.37
N SER B 303 -9.16 -20.00 7.30
CA SER B 303 -8.97 -21.28 8.00
C SER B 303 -9.03 -21.09 9.51
N ARG B 304 -8.64 -19.91 9.97
CA ARG B 304 -8.62 -19.59 11.40
C ARG B 304 -9.92 -18.93 11.86
N LEU B 305 -10.64 -18.31 10.94
CA LEU B 305 -11.81 -17.50 11.29
C LEU B 305 -13.14 -18.26 11.21
N GLN B 306 -13.22 -19.22 10.31
CA GLN B 306 -14.47 -19.97 10.12
C GLN B 306 -14.74 -20.94 11.27
N GLY B 307 -16.01 -21.24 11.48
CA GLY B 307 -16.42 -22.04 12.63
C GLY B 307 -17.22 -21.21 13.61
N LYS B 308 -17.37 -21.71 14.83
CA LYS B 308 -18.29 -21.11 15.79
C LYS B 308 -17.66 -20.69 17.12
N GLN B 309 -16.36 -20.94 17.28
CA GLN B 309 -15.66 -20.55 18.50
C GLN B 309 -15.42 -19.04 18.57
N PRO B 310 -15.59 -18.45 19.78
CA PRO B 310 -15.37 -17.01 19.92
C PRO B 310 -13.94 -16.60 19.60
N LEU B 311 -13.78 -15.41 19.04
CA LEU B 311 -12.46 -14.88 18.72
C LEU B 311 -12.03 -13.87 19.77
N GLU B 312 -10.85 -14.12 20.34
CA GLU B 312 -10.24 -13.20 21.31
C GLU B 312 -9.22 -12.31 20.61
N ALA B 313 -8.91 -11.17 21.22
CA ALA B 313 -7.86 -10.29 20.71
C ALA B 313 -6.54 -11.05 20.55
N LYS B 314 -6.21 -11.89 21.54
CA LYS B 314 -5.03 -12.73 21.49
C LYS B 314 -4.97 -13.58 20.23
N THR B 315 -6.12 -14.12 19.82
CA THR B 315 -6.20 -14.98 18.64
C THR B 315 -5.77 -14.19 17.40
N LEU B 316 -6.27 -12.96 17.28
CA LEU B 316 -5.93 -12.12 16.12
C LEU B 316 -4.47 -11.68 16.14
N GLU B 317 -3.96 -11.33 17.32
CA GLU B 317 -2.55 -10.99 17.47
C GLU B 317 -1.65 -12.15 17.02
N GLU B 318 -1.99 -13.35 17.48
CA GLU B 318 -1.18 -14.54 17.20
C GLU B 318 -1.26 -15.00 15.75
N MET B 319 -2.31 -14.61 15.03
CA MET B 319 -2.37 -14.84 13.59
C MET B 319 -1.24 -14.10 12.87
N VAL B 320 -0.86 -12.95 13.41
CA VAL B 320 0.29 -12.21 12.90
C VAL B 320 1.61 -12.79 13.45
N THR B 321 1.71 -12.92 14.77
CA THR B 321 3.00 -13.24 15.42
C THR B 321 3.42 -14.70 15.31
N ALA B 322 2.52 -15.58 14.87
CA ALA B 322 2.88 -16.98 14.65
C ALA B 322 3.89 -17.16 13.51
N ASN B 323 3.86 -16.22 12.55
CA ASN B 323 4.68 -16.31 11.34
C ASN B 323 4.55 -17.65 10.61
N HIS B 324 3.33 -18.17 10.55
CA HIS B 324 3.12 -19.46 9.90
C HIS B 324 3.17 -19.32 8.39
N VAL B 325 4.00 -20.15 7.76
CA VAL B 325 4.14 -20.15 6.31
C VAL B 325 3.05 -21.06 5.74
N PHE B 326 1.87 -20.48 5.51
CA PHE B 326 0.68 -21.26 5.19
C PHE B 326 0.77 -22.01 3.87
N SER B 327 1.55 -21.52 2.92
CA SER B 327 1.74 -22.23 1.64
C SER B 327 2.38 -23.60 1.85
N ALA B 328 3.14 -23.76 2.93
CA ALA B 328 3.73 -25.07 3.28
C ALA B 328 2.66 -26.13 3.52
N ASP B 329 1.50 -25.73 4.03
CA ASP B 329 0.40 -26.64 4.33
C ASP B 329 -0.09 -27.40 3.09
N GLN B 330 0.00 -26.75 1.93
CA GLN B 330 -0.47 -27.34 0.67
C GLN B 330 0.55 -28.24 0.00
N VAL B 331 1.83 -28.00 0.30
CA VAL B 331 2.92 -28.57 -0.48
C VAL B 331 3.86 -29.48 0.32
N LEU B 332 4.21 -29.06 1.54
CA LEU B 332 5.25 -29.74 2.33
C LEU B 332 4.96 -31.20 2.73
N PRO B 333 3.70 -31.55 3.08
CA PRO B 333 3.43 -32.98 3.36
C PRO B 333 3.87 -33.90 2.21
N ASP B 334 3.43 -33.58 0.99
CA ASP B 334 3.79 -34.37 -0.18
C ASP B 334 5.26 -34.23 -0.58
N LEU B 335 5.83 -33.06 -0.36
CA LEU B 335 7.25 -32.84 -0.63
C LEU B 335 8.15 -33.66 0.29
N LEU B 336 7.72 -33.83 1.54
CA LEU B 336 8.44 -34.68 2.49
C LEU B 336 8.29 -36.16 2.13
N ARG B 337 7.15 -36.53 1.56
CA ARG B 337 6.92 -37.89 1.07
C ARG B 337 7.88 -38.23 -0.07
N LEU B 338 8.05 -37.28 -1.01
CA LEU B 338 9.02 -37.40 -2.08
C LEU B 338 10.45 -37.55 -1.52
N CYS B 339 10.73 -36.80 -0.46
CA CYS B 339 12.03 -36.88 0.22
C CYS B 339 12.33 -38.27 0.76
N ARG B 340 11.31 -38.90 1.37
CA ARG B 340 11.46 -40.25 1.92
C ARG B 340 11.59 -41.30 0.81
N ASP B 341 10.98 -41.01 -0.34
CA ASP B 341 11.05 -41.88 -1.52
C ASP B 341 12.42 -41.82 -2.21
N ASN B 342 13.20 -40.78 -1.91
CA ASN B 342 14.49 -40.56 -2.56
C ASN B 342 15.65 -40.48 -1.57
N GLN B 343 15.61 -41.33 -0.55
CA GLN B 343 16.72 -41.43 0.41
C GLN B 343 17.93 -42.01 -0.30
N GLY B 344 19.11 -41.51 0.04
CA GLY B 344 20.34 -41.95 -0.61
C GLY B 344 20.64 -41.20 -1.90
N GLU B 345 19.81 -40.21 -2.23
CA GLU B 345 20.11 -39.28 -3.31
C GLU B 345 20.87 -38.10 -2.72
N LYS B 346 22.15 -38.00 -3.08
CA LYS B 346 23.07 -37.02 -2.50
C LYS B 346 22.67 -35.56 -2.73
N SER B 347 22.02 -35.30 -3.88
CA SER B 347 21.62 -33.94 -4.25
C SER B 347 20.47 -33.40 -3.41
N LEU B 348 19.68 -34.31 -2.84
CA LEU B 348 18.47 -33.94 -2.09
C LEU B 348 18.60 -34.03 -0.58
N ALA B 349 19.73 -34.54 -0.10
CA ALA B 349 19.92 -34.86 1.33
C ALA B 349 19.82 -33.64 2.26
N ARG B 350 20.58 -32.60 1.96
CA ARG B 350 20.58 -31.37 2.76
C ARG B 350 19.20 -30.68 2.78
N ALA B 351 18.58 -30.58 1.61
CA ALA B 351 17.26 -29.97 1.47
C ALA B 351 16.19 -30.71 2.27
N CYS B 352 16.17 -32.03 2.12
CA CYS B 352 15.16 -32.87 2.78
C CYS B 352 15.30 -32.89 4.29
N ALA B 353 16.54 -32.83 4.77
CA ALA B 353 16.83 -32.74 6.21
C ALA B 353 16.31 -31.41 6.76
N ALA B 354 16.70 -30.32 6.12
CA ALA B 354 16.28 -28.97 6.54
C ALA B 354 14.75 -28.82 6.55
N LEU B 355 14.08 -29.35 5.53
CA LEU B 355 12.63 -29.28 5.42
C LEU B 355 11.89 -30.07 6.50
N ALA B 356 12.38 -31.26 6.82
CA ALA B 356 11.75 -32.12 7.84
C ALA B 356 11.91 -31.58 9.27
N GLN B 357 13.01 -30.86 9.50
CA GLN B 357 13.31 -30.27 10.80
C GLN B 357 12.65 -28.91 11.00
N TRP B 358 12.18 -28.32 9.90
CA TRP B 358 11.64 -26.95 9.87
C TRP B 358 10.31 -26.83 10.60
N ASP B 359 10.17 -25.74 11.37
CA ASP B 359 8.94 -25.48 12.12
C ASP B 359 7.79 -24.88 11.29
N ARG B 360 8.00 -24.80 9.98
CA ARG B 360 7.03 -24.29 9.01
C ARG B 360 6.72 -22.80 9.20
N GLY B 361 7.66 -22.11 9.85
CA GLY B 361 7.48 -20.70 10.20
C GLY B 361 8.53 -19.78 9.61
N ALA B 362 8.25 -18.48 9.72
CA ALA B 362 9.19 -17.43 9.34
C ALA B 362 9.63 -16.68 10.60
N ASN B 363 9.82 -17.45 11.67
CA ASN B 363 10.29 -16.94 12.96
C ASN B 363 11.78 -16.63 12.90
N LEU B 364 12.27 -15.84 13.86
CA LEU B 364 13.69 -15.53 13.95
C LEU B 364 14.55 -16.78 14.06
N ASP B 365 14.06 -17.77 14.80
CA ASP B 365 14.81 -19.00 15.05
CA ASP B 365 14.79 -19.00 15.06
C ASP B 365 14.47 -20.11 14.05
N SER B 366 13.55 -19.83 13.12
CA SER B 366 13.14 -20.80 12.11
C SER B 366 14.34 -21.29 11.29
N GLY B 367 14.37 -22.60 11.04
CA GLY B 367 15.52 -23.22 10.37
C GLY B 367 15.60 -22.93 8.89
N SER B 368 16.77 -23.25 8.32
CA SER B 368 17.05 -23.06 6.89
C SER B 368 16.03 -23.70 5.95
N GLY B 369 15.18 -24.57 6.51
CA GLY B 369 14.06 -25.17 5.78
C GLY B 369 13.16 -24.15 5.09
N PHE B 370 13.02 -22.97 5.70
CA PHE B 370 12.24 -21.88 5.08
C PHE B 370 12.87 -21.44 3.76
N VAL B 371 14.19 -21.24 3.75
CA VAL B 371 14.94 -20.84 2.56
C VAL B 371 14.84 -21.88 1.44
N TYR B 372 15.04 -23.16 1.78
CA TYR B 372 14.82 -24.25 0.83
C TYR B 372 13.40 -24.26 0.27
N PHE B 373 12.42 -24.05 1.15
CA PHE B 373 11.03 -24.03 0.74
C PHE B 373 10.73 -22.91 -0.25
N GLN B 374 11.25 -21.72 0.03
CA GLN B 374 11.03 -20.56 -0.84
C GLN B 374 11.54 -20.80 -2.25
N ARG B 375 12.78 -21.28 -2.34
CA ARG B 375 13.41 -21.55 -3.65
C ARG B 375 12.70 -22.65 -4.41
N PHE B 376 12.20 -23.67 -3.70
CA PHE B 376 11.41 -24.72 -4.32
C PHE B 376 10.09 -24.17 -4.87
N MET B 377 9.41 -23.34 -4.08
CA MET B 377 8.11 -22.81 -4.47
C MET B 377 8.18 -21.94 -5.72
N GLN B 378 9.27 -21.19 -5.85
CA GLN B 378 9.51 -20.33 -7.00
C GLN B 378 9.60 -21.17 -8.29
N ARG B 379 10.09 -22.40 -8.16
CA ARG B 379 10.13 -23.34 -9.29
C ARG B 379 8.82 -24.11 -9.45
N PHE B 380 8.23 -24.51 -8.33
CA PHE B 380 6.95 -25.23 -8.32
C PHE B 380 5.85 -24.42 -9.01
N ALA B 381 5.90 -23.10 -8.83
CA ALA B 381 4.95 -22.17 -9.46
C ALA B 381 4.96 -22.22 -10.99
N GLU B 382 6.13 -22.57 -11.55
CA GLU B 382 6.32 -22.60 -13.00
C GLU B 382 5.91 -23.93 -13.64
N LEU B 383 5.67 -24.95 -12.81
CA LEU B 383 5.29 -26.27 -13.32
C LEU B 383 3.81 -26.32 -13.71
N ASP B 384 3.51 -27.15 -14.71
CA ASP B 384 2.13 -27.29 -15.19
C ASP B 384 1.46 -28.56 -14.65
N GLY B 385 0.25 -28.39 -14.13
CA GLY B 385 -0.55 -29.51 -13.63
C GLY B 385 0.09 -30.36 -12.54
N ALA B 386 0.84 -29.71 -11.65
CA ALA B 386 1.55 -30.42 -10.58
C ALA B 386 0.72 -30.60 -9.30
N TRP B 387 -0.40 -29.88 -9.21
CA TRP B 387 -1.31 -29.99 -8.06
C TRP B 387 -2.07 -31.32 -8.09
N LYS B 388 -2.10 -32.00 -6.94
CA LYS B 388 -2.92 -33.22 -6.79
C LYS B 388 -4.39 -32.86 -6.94
N GLU B 389 -4.81 -31.80 -6.26
CA GLU B 389 -6.13 -31.22 -6.42
C GLU B 389 -5.95 -29.80 -6.95
N PRO B 390 -6.30 -29.57 -8.23
CA PRO B 390 -6.21 -28.22 -8.80
C PRO B 390 -7.22 -27.28 -8.15
N PHE B 391 -7.13 -25.98 -8.44
CA PHE B 391 -8.11 -25.04 -7.92
C PHE B 391 -9.51 -25.45 -8.35
N ASP B 392 -10.39 -25.57 -7.36
CA ASP B 392 -11.78 -25.92 -7.57
C ASP B 392 -12.63 -24.74 -7.13
N ALA B 393 -13.41 -24.19 -8.06
CA ALA B 393 -14.27 -23.04 -7.77
C ALA B 393 -15.33 -23.38 -6.73
N GLN B 394 -15.71 -24.66 -6.67
CA GLN B 394 -16.70 -25.14 -5.70
C GLN B 394 -16.08 -25.41 -4.32
N ARG B 395 -14.75 -25.47 -4.26
CA ARG B 395 -14.01 -25.61 -3.00
C ARG B 395 -12.90 -24.55 -2.92
N PRO B 396 -13.26 -23.25 -3.00
CA PRO B 396 -12.27 -22.19 -3.20
C PRO B 396 -11.35 -21.93 -1.99
N LEU B 397 -11.70 -22.50 -0.84
CA LEU B 397 -10.92 -22.30 0.38
C LEU B 397 -9.94 -23.44 0.64
N ASP B 398 -10.17 -24.59 0.02
CA ASP B 398 -9.40 -25.81 0.30
C ASP B 398 -8.58 -26.30 -0.90
N THR B 399 -8.64 -25.55 -2.00
CA THR B 399 -7.87 -25.88 -3.21
C THR B 399 -7.10 -24.65 -3.69
N PRO B 400 -5.95 -24.86 -4.36
CA PRO B 400 -5.30 -26.14 -4.69
C PRO B 400 -4.60 -26.79 -3.48
N GLN B 401 -4.35 -28.09 -3.57
CA GLN B 401 -3.79 -28.86 -2.45
C GLN B 401 -3.01 -30.08 -2.94
N GLY B 402 -1.82 -30.29 -2.36
CA GLY B 402 -1.04 -31.50 -2.59
C GLY B 402 -0.28 -31.55 -3.90
N ILE B 403 0.70 -32.43 -3.98
CA ILE B 403 1.47 -32.66 -5.21
C ILE B 403 1.03 -33.98 -5.84
N ALA B 404 0.74 -33.96 -7.14
CA ALA B 404 0.32 -35.15 -7.87
C ALA B 404 1.51 -36.08 -8.14
N LEU B 405 2.04 -36.68 -7.08
CA LEU B 405 3.21 -37.55 -7.17
C LEU B 405 2.94 -38.88 -7.88
N ASP B 406 1.67 -39.28 -7.91
CA ASP B 406 1.25 -40.51 -8.60
C ASP B 406 1.34 -40.38 -10.12
N ARG B 407 1.48 -39.14 -10.58
CA ARG B 407 1.69 -38.81 -11.99
C ARG B 407 3.20 -38.73 -12.25
N PRO B 408 3.75 -39.71 -13.02
CA PRO B 408 5.20 -39.88 -13.18
C PRO B 408 5.99 -38.66 -13.70
N GLN B 409 5.38 -37.89 -14.61
CA GLN B 409 6.04 -36.69 -15.15
C GLN B 409 6.16 -35.60 -14.09
N VAL B 410 5.12 -35.48 -13.26
CA VAL B 410 5.11 -34.52 -12.15
C VAL B 410 6.17 -34.89 -11.12
N ALA B 411 6.23 -36.17 -10.76
CA ALA B 411 7.22 -36.69 -9.81
C ALA B 411 8.66 -36.36 -10.23
N THR B 412 8.95 -36.51 -11.52
CA THR B 412 10.28 -36.20 -12.07
C THR B 412 10.57 -34.69 -12.01
N GLN B 413 9.60 -33.90 -12.44
CA GLN B 413 9.74 -32.44 -12.48
C GLN B 413 9.82 -31.81 -11.09
N VAL B 414 9.07 -32.36 -10.14
CA VAL B 414 9.10 -31.85 -8.76
C VAL B 414 10.43 -32.18 -8.09
N ARG B 415 10.92 -33.39 -8.31
CA ARG B 415 12.22 -33.79 -7.77
C ARG B 415 13.33 -32.93 -8.36
N GLN B 416 13.26 -32.68 -9.67
CA GLN B 416 14.21 -31.81 -10.36
C GLN B 416 14.14 -30.39 -9.79
N ALA B 417 12.93 -29.90 -9.55
CA ALA B 417 12.71 -28.59 -8.94
C ALA B 417 13.39 -28.48 -7.57
N LEU B 418 13.25 -29.52 -6.75
CA LEU B 418 13.89 -29.55 -5.43
C LEU B 418 15.41 -29.62 -5.53
N ALA B 419 15.91 -30.40 -6.48
CA ALA B 419 17.36 -30.50 -6.72
C ALA B 419 17.94 -29.16 -7.14
N ASP B 420 17.25 -28.49 -8.07
CA ASP B 420 17.64 -27.16 -8.53
C ASP B 420 17.56 -26.11 -7.42
N ALA B 421 16.49 -26.16 -6.64
CA ALA B 421 16.32 -25.27 -5.49
C ALA B 421 17.43 -25.47 -4.46
N ALA B 422 17.72 -26.73 -4.15
CA ALA B 422 18.79 -27.08 -3.21
C ALA B 422 20.15 -26.57 -3.70
N ALA B 423 20.40 -26.73 -5.00
CA ALA B 423 21.63 -26.25 -5.64
C ALA B 423 21.80 -24.74 -5.48
N GLU B 424 20.71 -23.99 -5.64
CA GLU B 424 20.73 -22.53 -5.48
C GLU B 424 21.01 -22.10 -4.03
N VAL B 425 20.34 -22.76 -3.09
CA VAL B 425 20.52 -22.46 -1.65
C VAL B 425 21.96 -22.73 -1.23
N GLU B 426 22.50 -23.86 -1.66
CA GLU B 426 23.84 -24.28 -1.29
C GLU B 426 24.93 -23.51 -2.05
N LYS B 427 24.58 -22.96 -3.21
CA LYS B 427 25.49 -22.12 -3.98
C LYS B 427 25.71 -20.77 -3.28
N SER B 428 24.65 -20.22 -2.69
CA SER B 428 24.74 -18.97 -1.94
C SER B 428 25.51 -19.17 -0.63
N GLY B 429 26.06 -18.09 -0.11
CA GLY B 429 26.84 -18.14 1.13
C GLY B 429 25.98 -18.17 2.37
N ILE B 430 25.45 -19.34 2.70
CA ILE B 430 24.64 -19.52 3.91
C ILE B 430 25.38 -20.42 4.91
N PRO B 431 25.84 -19.81 6.03
CA PRO B 431 26.55 -20.54 7.10
C PRO B 431 25.76 -21.75 7.60
N ASP B 432 26.49 -22.77 8.07
CA ASP B 432 25.87 -23.99 8.59
C ASP B 432 25.05 -23.72 9.86
N GLY B 433 23.82 -24.21 9.86
CA GLY B 433 22.92 -24.09 11.01
C GLY B 433 22.34 -22.69 11.23
N ALA B 434 22.50 -21.82 10.24
CA ALA B 434 21.98 -20.45 10.31
C ALA B 434 20.46 -20.42 10.28
N ARG B 435 19.87 -19.45 10.98
CA ARG B 435 18.43 -19.34 11.08
C ARG B 435 17.91 -18.16 10.28
N TRP B 436 16.59 -18.12 10.07
CA TRP B 436 15.95 -17.07 9.25
C TRP B 436 16.29 -15.65 9.73
N GLY B 437 16.27 -15.45 11.05
CA GLY B 437 16.61 -14.17 11.66
C GLY B 437 18.06 -13.74 11.46
N ASP B 438 18.94 -14.69 11.17
CA ASP B 438 20.33 -14.38 10.85
C ASP B 438 20.44 -13.79 9.44
N LEU B 439 19.44 -14.05 8.61
CA LEU B 439 19.44 -13.61 7.21
C LEU B 439 18.62 -12.34 6.97
N GLN B 440 17.39 -12.32 7.46
CA GLN B 440 16.50 -11.17 7.22
C GLN B 440 16.62 -10.11 8.32
N VAL B 441 17.04 -8.91 7.92
CA VAL B 441 17.34 -7.84 8.84
C VAL B 441 16.85 -6.48 8.35
N SER B 442 16.75 -5.54 9.28
CA SER B 442 16.60 -4.13 8.93
C SER B 442 17.81 -3.38 9.47
N THR B 443 18.49 -2.67 8.57
CA THR B 443 19.69 -1.91 8.92
C THR B 443 19.30 -0.62 9.63
N ARG B 444 20.01 -0.34 10.73
CA ARG B 444 19.83 0.89 11.48
C ARG B 444 21.22 1.44 11.79
N GLY B 445 21.64 2.46 11.04
CA GLY B 445 23.01 2.97 11.12
C GLY B 445 23.97 1.92 10.57
N GLN B 446 24.91 1.50 11.41
CA GLN B 446 25.83 0.41 11.03
C GLN B 446 25.39 -0.93 11.59
N GLU B 447 24.34 -0.90 12.42
CA GLU B 447 23.80 -2.10 13.07
C GLU B 447 22.71 -2.78 12.24
N ARG B 448 22.40 -4.02 12.59
CA ARG B 448 21.31 -4.79 11.99
C ARG B 448 20.36 -5.26 13.09
N ILE B 449 19.07 -5.30 12.77
CA ILE B 449 18.06 -5.87 13.65
C ILE B 449 17.35 -7.00 12.92
N ALA B 450 17.31 -8.17 13.54
CA ALA B 450 16.65 -9.36 12.97
C ALA B 450 15.14 -9.15 12.85
N ILE B 451 14.58 -9.44 11.68
CA ILE B 451 13.15 -9.19 11.44
C ILE B 451 12.38 -10.48 11.12
N PRO B 452 11.37 -10.81 11.94
CA PRO B 452 10.54 -11.99 11.69
C PRO B 452 9.49 -11.70 10.61
N GLY B 453 8.96 -12.76 10.01
CA GLY B 453 8.00 -12.64 8.90
C GLY B 453 8.61 -13.04 7.57
N GLY B 454 7.75 -13.24 6.58
CA GLY B 454 8.18 -13.67 5.25
C GLY B 454 7.24 -13.20 4.17
N ASP B 455 7.60 -13.46 2.92
CA ASP B 455 6.81 -12.96 1.80
C ASP B 455 5.36 -13.45 1.84
N GLY B 456 4.43 -12.51 1.64
CA GLY B 456 3.00 -12.82 1.66
C GLY B 456 2.58 -13.85 0.63
N HIS B 457 3.35 -13.96 -0.45
CA HIS B 457 3.08 -14.94 -1.50
C HIS B 457 3.28 -16.40 -1.01
N PHE B 458 4.00 -16.56 0.10
CA PHE B 458 4.13 -17.88 0.77
C PHE B 458 3.11 -18.07 1.90
N GLY B 459 2.14 -17.17 1.99
CA GLY B 459 1.07 -17.26 2.97
C GLY B 459 1.47 -16.93 4.39
N VAL B 460 2.51 -16.12 4.55
CA VAL B 460 2.87 -15.60 5.86
C VAL B 460 2.00 -14.38 6.12
N TYR B 461 1.14 -14.45 7.13
CA TYR B 461 0.22 -13.35 7.42
C TYR B 461 1.03 -12.10 7.74
N ASN B 462 2.07 -12.26 8.58
CA ASN B 462 3.05 -11.22 8.82
C ASN B 462 3.97 -11.10 7.60
N ALA B 463 3.46 -10.45 6.56
CA ALA B 463 4.16 -10.35 5.29
C ALA B 463 5.33 -9.38 5.40
N ILE B 464 6.50 -9.84 4.97
CA ILE B 464 7.70 -9.03 4.93
C ILE B 464 8.37 -9.29 3.59
N GLN B 465 8.64 -8.21 2.86
CA GLN B 465 9.34 -8.27 1.58
C GLN B 465 10.77 -7.80 1.81
N SER B 466 11.74 -8.60 1.36
CA SER B 466 13.14 -8.22 1.52
C SER B 466 13.90 -8.39 0.21
N VAL B 467 15.02 -7.69 0.09
CA VAL B 467 15.88 -7.77 -1.09
C VAL B 467 17.31 -8.10 -0.65
N ARG B 468 18.02 -8.90 -1.45
CA ARG B 468 19.39 -9.23 -1.14
C ARG B 468 20.27 -7.98 -1.19
N LYS B 469 20.99 -7.73 -0.10
CA LYS B 469 21.97 -6.64 -0.03
C LYS B 469 23.18 -7.14 0.75
N GLY B 470 24.30 -7.32 0.04
CA GLY B 470 25.49 -7.93 0.62
C GLY B 470 25.26 -9.33 1.15
N ASP B 471 25.47 -9.52 2.45
CA ASP B 471 25.35 -10.83 3.08
C ASP B 471 23.96 -11.10 3.67
N HIS B 472 23.06 -10.14 3.56
CA HIS B 472 21.76 -10.22 4.22
C HIS B 472 20.57 -9.97 3.29
N LEU B 473 19.37 -10.28 3.77
CA LEU B 473 18.14 -9.84 3.10
C LEU B 473 17.64 -8.62 3.85
N GLU B 474 17.62 -7.48 3.17
CA GLU B 474 17.22 -6.20 3.76
C GLU B 474 15.72 -5.98 3.56
N VAL B 475 15.02 -5.74 4.65
CA VAL B 475 13.57 -5.51 4.60
C VAL B 475 13.26 -4.20 3.86
N VAL B 476 12.34 -4.28 2.91
CA VAL B 476 11.89 -3.08 2.18
C VAL B 476 10.43 -2.72 2.42
N GLY B 477 9.61 -3.71 2.79
CA GLY B 477 8.17 -3.46 2.99
C GLY B 477 7.44 -4.60 3.66
N GLY B 478 6.18 -4.35 4.03
CA GLY B 478 5.35 -5.36 4.64
C GLY B 478 4.67 -4.82 5.88
N THR B 479 4.46 -5.70 6.86
CA THR B 479 3.94 -5.28 8.16
C THR B 479 4.60 -3.96 8.60
N SER B 480 3.76 -3.02 9.00
CA SER B 480 4.17 -1.63 9.13
C SER B 480 3.54 -1.05 10.39
N TYR B 481 2.40 -0.40 10.22
CA TYR B 481 1.60 0.02 11.37
C TYR B 481 0.65 -1.11 11.74
N ILE B 482 0.78 -1.59 12.98
CA ILE B 482 -0.10 -2.64 13.51
C ILE B 482 -1.03 -2.04 14.54
N GLN B 483 -2.32 -2.26 14.38
CA GLN B 483 -3.27 -1.90 15.44
C GLN B 483 -4.35 -2.93 15.61
N LEU B 484 -4.56 -3.29 16.87
CA LEU B 484 -5.57 -4.26 17.27
C LEU B 484 -6.43 -3.56 18.31
N VAL B 485 -7.70 -3.37 17.99
CA VAL B 485 -8.59 -2.55 18.81
C VAL B 485 -9.80 -3.34 19.30
N THR B 486 -10.05 -3.25 20.60
CA THR B 486 -11.26 -3.76 21.23
C THR B 486 -11.93 -2.61 21.95
N PHE B 487 -13.16 -2.84 22.42
CA PHE B 487 -13.93 -1.77 23.03
C PHE B 487 -14.48 -2.11 24.42
N PRO B 488 -13.60 -2.21 25.43
CA PRO B 488 -14.11 -2.39 26.79
C PRO B 488 -14.81 -1.11 27.29
N GLU B 489 -15.57 -1.24 28.37
CA GLU B 489 -16.41 -0.13 28.88
C GLU B 489 -15.69 1.20 29.03
N GLU B 490 -14.47 1.17 29.55
CA GLU B 490 -13.68 2.38 29.86
C GLU B 490 -13.34 3.24 28.64
N GLY B 491 -13.13 2.61 27.49
CA GLY B 491 -12.70 3.31 26.28
C GLY B 491 -11.99 2.33 25.38
N PRO B 492 -11.67 2.75 24.13
CA PRO B 492 -11.03 1.82 23.22
C PRO B 492 -9.68 1.33 23.73
N LYS B 493 -9.46 0.02 23.63
CA LYS B 493 -8.17 -0.56 23.99
C LYS B 493 -7.45 -0.90 22.70
N ALA B 494 -6.36 -0.17 22.43
CA ALA B 494 -5.59 -0.38 21.22
C ALA B 494 -4.19 -0.86 21.55
N ARG B 495 -3.73 -1.84 20.77
CA ARG B 495 -2.46 -2.49 20.98
C ARG B 495 -1.79 -2.66 19.62
N GLY B 496 -0.49 -2.44 19.56
CA GLY B 496 0.25 -2.60 18.32
C GLY B 496 1.65 -2.04 18.36
N LEU B 497 2.13 -1.65 17.17
CA LEU B 497 3.47 -1.12 16.99
C LEU B 497 3.56 -0.49 15.61
N LEU B 498 4.57 0.37 15.45
CA LEU B 498 5.01 0.80 14.12
C LEU B 498 6.34 0.10 13.91
N ALA B 499 6.33 -0.93 13.06
CA ALA B 499 7.46 -1.86 12.93
C ALA B 499 8.81 -1.18 12.71
N PHE B 500 8.84 -0.14 11.87
CA PHE B 500 10.09 0.54 11.51
C PHE B 500 10.40 1.77 12.38
N SER B 501 9.58 2.01 13.39
CA SER B 501 9.72 3.15 14.32
C SER B 501 9.30 4.50 13.73
N GLN B 502 9.04 5.46 14.61
CA GLN B 502 8.50 6.76 14.21
C GLN B 502 9.39 7.55 13.24
N SER B 503 10.70 7.53 13.48
CA SER B 503 11.62 8.40 12.77
C SER B 503 12.51 7.65 11.79
N SER B 504 12.59 8.17 10.58
CA SER B 504 13.51 7.68 9.56
C SER B 504 14.93 8.23 9.74
N ASP B 505 15.11 9.10 10.73
CA ASP B 505 16.38 9.77 10.91
C ASP B 505 17.26 9.06 11.94
N PRO B 506 18.47 8.65 11.54
CA PRO B 506 19.32 7.85 12.45
C PRO B 506 19.65 8.56 13.77
N ARG B 507 19.51 9.89 13.78
CA ARG B 507 19.81 10.68 14.99
C ARG B 507 18.71 10.62 16.03
N SER B 508 17.50 10.26 15.62
CA SER B 508 16.35 10.27 16.53
C SER B 508 16.35 9.17 17.60
N PRO B 509 15.88 9.51 18.82
CA PRO B 509 15.62 8.51 19.86
C PRO B 509 14.60 7.45 19.42
N HIS B 510 13.89 7.74 18.33
CA HIS B 510 12.78 6.90 17.88
C HIS B 510 13.04 6.36 16.48
N TYR B 511 14.30 6.05 16.21
CA TYR B 511 14.77 5.51 14.94
C TYR B 511 14.66 3.98 14.90
N ARG B 512 14.82 3.34 16.05
CA ARG B 512 14.85 1.88 16.13
C ARG B 512 14.18 1.28 17.36
N ASP B 513 13.57 2.12 18.19
CA ASP B 513 12.99 1.65 19.45
C ASP B 513 11.83 0.66 19.26
N GLN B 514 10.93 0.91 18.30
CA GLN B 514 9.85 -0.04 18.05
C GLN B 514 10.30 -1.19 17.15
N THR B 515 11.42 -1.00 16.46
CA THR B 515 11.98 -2.03 15.60
C THR B 515 12.61 -3.13 16.45
N GLU B 516 13.27 -2.72 17.54
CA GLU B 516 13.74 -3.68 18.55
C GLU B 516 12.57 -4.50 19.07
N LEU B 517 11.46 -3.83 19.36
CA LEU B 517 10.25 -4.47 19.85
C LEU B 517 9.59 -5.35 18.80
N PHE B 518 9.62 -4.92 17.54
CA PHE B 518 9.05 -5.71 16.45
C PHE B 518 9.82 -7.02 16.27
N SER B 519 11.15 -6.93 16.36
CA SER B 519 12.02 -8.12 16.28
C SER B 519 11.61 -9.17 17.32
N ARG B 520 11.33 -8.71 18.54
CA ARG B 520 10.92 -9.57 19.64
C ARG B 520 9.42 -9.85 19.66
N GLN B 521 8.68 -9.27 18.70
CA GLN B 521 7.23 -9.39 18.59
C GLN B 521 6.49 -8.99 19.87
N GLN B 522 6.90 -7.87 20.45
CA GLN B 522 6.34 -7.37 21.71
C GLN B 522 5.54 -6.11 21.44
N TRP B 523 4.25 -6.29 21.18
CA TRP B 523 3.32 -5.20 20.90
C TRP B 523 3.03 -4.41 22.17
N GLN B 524 2.59 -3.17 22.01
CA GLN B 524 2.47 -2.23 23.12
C GLN B 524 1.12 -1.53 23.08
N THR B 525 0.74 -0.94 24.22
CA THR B 525 -0.44 -0.11 24.30
C THR B 525 -0.28 1.09 23.39
N LEU B 526 -1.35 1.42 22.66
CA LEU B 526 -1.46 2.67 21.95
C LEU B 526 -2.38 3.57 22.79
N PRO B 527 -1.79 4.46 23.60
CA PRO B 527 -2.57 5.22 24.58
C PRO B 527 -3.43 6.30 23.92
N PHE B 528 -4.73 6.32 24.27
CA PHE B 528 -5.71 7.19 23.61
C PHE B 528 -6.40 8.13 24.59
N SER B 529 -6.80 7.61 25.75
CA SER B 529 -7.52 8.43 26.72
C SER B 529 -6.54 9.32 27.48
N ASP B 530 -7.03 10.42 28.04
CA ASP B 530 -6.20 11.30 28.86
C ASP B 530 -5.55 10.51 30.00
N ARG B 531 -6.31 9.60 30.60
CA ARG B 531 -5.80 8.72 31.67
C ARG B 531 -4.60 7.87 31.20
N GLN B 532 -4.75 7.20 30.05
CA GLN B 532 -3.67 6.37 29.49
C GLN B 532 -2.42 7.19 29.18
N ILE B 533 -2.63 8.36 28.58
CA ILE B 533 -1.55 9.27 28.21
C ILE B 533 -0.81 9.77 29.45
N ASP B 534 -1.55 10.15 30.48
N ASP B 534 -1.57 10.16 30.47
CA ASP B 534 -0.95 10.67 31.71
CA ASP B 534 -1.03 10.65 31.74
C ASP B 534 -0.24 9.60 32.54
C ASP B 534 -0.22 9.59 32.50
N ALA B 535 -0.64 8.34 32.36
CA ALA B 535 0.00 7.21 33.05
C ALA B 535 1.40 6.88 32.52
N ASP B 536 1.71 7.35 31.31
CA ASP B 536 2.99 7.05 30.65
C ASP B 536 4.17 7.82 31.28
N PRO B 537 5.14 7.10 31.88
CA PRO B 537 6.29 7.75 32.53
C PRO B 537 7.22 8.50 31.56
N GLN B 538 7.09 8.22 30.25
CA GLN B 538 7.84 8.95 29.24
C GLN B 538 7.14 10.21 28.70
N LEU B 539 5.98 10.53 29.28
CA LEU B 539 5.19 11.68 28.83
C LEU B 539 5.99 12.97 28.78
N GLN B 540 5.97 13.62 27.62
CA GLN B 540 6.56 14.93 27.42
C GLN B 540 5.51 15.84 26.79
N ARG B 541 5.61 17.14 27.06
CA ARG B 541 4.61 18.08 26.56
C ARG B 541 5.26 19.36 26.06
N LEU B 542 4.77 19.86 24.94
CA LEU B 542 5.21 21.14 24.39
C LEU B 542 3.99 21.86 23.83
N SER B 543 3.87 23.13 24.18
CA SER B 543 2.85 23.99 23.59
C SER B 543 3.55 25.02 22.70
N ILE B 544 3.04 25.20 21.48
CA ILE B 544 3.68 26.10 20.51
C ILE B 544 2.65 27.02 19.86
N ARG B 545 3.09 28.22 19.52
CA ARG B 545 2.26 29.18 18.80
C ARG B 545 3.08 30.14 17.95
N GLU B 546 2.44 30.70 16.92
CA GLU B 546 3.01 31.82 16.17
C GLU B 546 1.89 32.62 15.53
#